data_6V9G
#
_entry.id   6V9G
#
_cell.length_a   67.728
_cell.length_b   129.171
_cell.length_c   134.554
_cell.angle_alpha   90.000
_cell.angle_beta   90.000
_cell.angle_gamma   90.000
#
_symmetry.space_group_name_H-M   'P 21 21 21'
#
loop_
_entity.id
_entity.type
_entity.pdbx_description
1 polymer 'Fermitin family homolog 3'
2 water water
#
_entity_poly.entity_id   1
_entity_poly.type   'polypeptide(L)'
_entity_poly.pdbx_seq_one_letter_code
;MAGMKTASGDYIDSSWELRVFVGEEDPEAESVTLRVTGESHIGGVLLKIVEQINRKQDWSDHAIWWEQKRQWLLQTHWTL
DKYGILADARLFFGPQHRPVILRLPNRRALRLRASFSQPLFQAVAAICRLLSIRHPEELSLLRAPEKKEKKKKEKEPEEE
LYDLSYHMLSRPQPPPDPLLLQRLPRPSSLSDKTQLHSRWLDSSRCLMQQGIKAGDALWLRFKYYSFFDLDPKTDPVRLT
QLYEQARWDLLLEEIDCTEEEMMVFAALQYHINKLSQSGEVGEPAGTDPGLDDLDVALSNLEVKLEGSAPTDVLAEGLNP
YGLVAPRFQRKFKAKQLTPRILEAHQNVAQLSLAEAQLRFIQAWQSLPDFGISYVMVRFKGSRKDEILGIANNRLIRIDL
AVGDVVKTWRFSNMRQWNVNWDIRQVAIEFDEHINVAFSCVSASCRIVHEYIGGYIFLSTRERARGEELDEDLFLQLTGG
HEAFLEHHHHHH
;
_entity_poly.pdbx_strand_id   A,B
#
# COMPACT_ATOMS: atom_id res chain seq x y z
N SER A 15 29.33 47.02 15.01
CA SER A 15 27.97 47.48 14.61
C SER A 15 27.66 47.09 13.16
N TRP A 16 26.99 45.94 13.00
CA TRP A 16 26.67 45.39 11.67
C TRP A 16 25.16 45.28 11.35
N GLU A 17 24.85 44.68 10.21
CA GLU A 17 23.51 44.63 9.67
C GLU A 17 22.90 43.24 9.76
N LEU A 18 21.73 43.15 10.42
CA LEU A 18 20.96 41.92 10.52
C LEU A 18 19.57 42.11 9.94
N ARG A 19 19.18 41.19 9.06
CA ARG A 19 17.86 41.20 8.47
C ARG A 19 17.00 40.11 9.09
N VAL A 20 15.73 40.43 9.30
CA VAL A 20 14.80 39.50 9.91
C VAL A 20 13.55 39.51 9.03
N PHE A 21 13.10 38.31 8.67
CA PHE A 21 11.86 38.14 7.92
C PHE A 21 10.66 38.39 8.81
N VAL A 22 9.65 39.04 8.26
CA VAL A 22 8.58 39.67 9.04
C VAL A 22 7.17 39.39 8.50
N GLY A 23 7.11 38.88 7.27
CA GLY A 23 5.84 38.59 6.59
C GLY A 23 5.02 37.53 7.30
N GLU A 24 3.71 37.68 7.24
CA GLU A 24 2.77 36.75 7.87
C GLU A 24 2.35 35.65 6.89
N GLU A 25 1.76 36.06 5.77
CA GLU A 25 1.27 35.12 4.75
C GLU A 25 2.43 34.45 4.01
N ASP A 26 3.18 35.22 3.21
CA ASP A 26 4.50 34.76 2.76
C ASP A 26 5.51 35.36 3.74
N PRO A 27 6.18 34.52 4.55
CA PRO A 27 7.12 35.01 5.56
C PRO A 27 8.22 35.93 5.01
N GLU A 28 8.69 35.63 3.79
CA GLU A 28 9.83 36.31 3.18
C GLU A 28 9.48 37.56 2.36
N ALA A 29 8.19 37.89 2.30
CA ALA A 29 7.69 39.06 1.55
C ALA A 29 8.20 40.38 2.13
N GLU A 30 7.92 40.61 3.41
CA GLU A 30 8.37 41.80 4.13
C GLU A 30 9.58 41.48 5.00
N SER A 31 10.55 42.38 5.00
CA SER A 31 11.74 42.28 5.85
C SER A 31 11.96 43.56 6.63
N VAL A 32 12.62 43.43 7.78
CA VAL A 32 13.17 44.59 8.48
C VAL A 32 14.66 44.39 8.69
N THR A 33 15.38 45.50 8.69
CA THR A 33 16.82 45.53 8.78
C THR A 33 17.22 46.33 10.02
N LEU A 34 18.13 45.76 10.82
CA LEU A 34 18.53 46.35 12.10
C LEU A 34 20.04 46.44 12.23
N ARG A 35 20.49 47.53 12.85
CA ARG A 35 21.88 47.66 13.30
C ARG A 35 22.02 46.94 14.64
N VAL A 36 22.80 45.86 14.62
CA VAL A 36 23.02 45.00 15.78
C VAL A 36 24.51 44.80 16.01
N THR A 37 24.90 44.73 17.28
CA THR A 37 26.32 44.82 17.66
C THR A 37 26.99 43.49 18.07
N GLY A 38 26.33 42.37 17.83
CA GLY A 38 26.82 41.06 18.31
C GLY A 38 26.69 40.92 19.83
N GLU A 39 26.80 42.05 20.52
CA GLU A 39 26.50 42.17 21.94
C GLU A 39 24.99 42.38 22.16
N SER A 40 24.26 42.61 21.05
CA SER A 40 22.81 42.81 21.07
C SER A 40 22.08 41.61 21.68
N HIS A 41 21.20 41.90 22.65
CA HIS A 41 20.37 40.89 23.32
CA HIS A 41 20.38 40.89 23.31
C HIS A 41 19.11 40.64 22.52
N ILE A 42 18.63 39.39 22.57
CA ILE A 42 17.43 38.98 21.82
C ILE A 42 16.22 39.87 22.11
N GLY A 43 16.00 40.18 23.40
CA GLY A 43 14.95 41.11 23.83
C GLY A 43 15.03 42.48 23.18
N GLY A 44 16.27 42.97 23.02
CA GLY A 44 16.56 44.21 22.31
C GLY A 44 16.18 44.16 20.83
N VAL A 45 16.67 43.14 20.11
CA VAL A 45 16.38 42.98 18.67
C VAL A 45 14.88 42.79 18.40
N LEU A 46 14.21 42.07 19.31
CA LEU A 46 12.77 41.85 19.23
C LEU A 46 12.03 43.19 19.27
N LEU A 47 12.44 44.07 20.19
CA LEU A 47 11.85 45.41 20.30
C LEU A 47 12.21 46.32 19.13
N LYS A 48 13.43 46.19 18.60
CA LYS A 48 13.84 46.88 17.36
C LYS A 48 13.04 46.45 16.12
N ILE A 49 12.64 45.17 16.08
CA ILE A 49 11.81 44.64 15.00
C ILE A 49 10.41 45.26 15.08
N VAL A 50 9.78 45.16 16.25
CA VAL A 50 8.44 45.70 16.49
C VAL A 50 8.38 47.21 16.16
N GLU A 51 9.47 47.89 16.48
CA GLU A 51 9.67 49.31 16.22
C GLU A 51 9.51 49.63 14.73
N GLN A 52 10.19 48.86 13.86
CA GLN A 52 10.16 49.09 12.42
C GLN A 52 8.98 48.43 11.71
N ILE A 53 7.89 48.21 12.44
CA ILE A 53 6.64 47.69 11.88
C ILE A 53 5.54 48.68 12.20
N ASN A 54 4.81 49.11 11.16
CA ASN A 54 3.78 50.16 11.26
C ASN A 54 2.65 49.79 12.20
N ARG A 55 2.35 48.50 12.27
CA ARG A 55 1.18 47.98 12.97
C ARG A 55 1.26 48.14 14.48
N LYS A 56 0.09 48.32 15.09
CA LYS A 56 -0.07 48.22 16.54
C LYS A 56 -0.94 47.01 16.86
N GLN A 57 -0.45 46.18 17.78
CA GLN A 57 -1.09 44.92 18.16
C GLN A 57 -0.42 44.37 19.42
N ASP A 58 -0.97 43.28 19.93
CA ASP A 58 -0.30 42.50 20.96
C ASP A 58 0.90 41.80 20.34
N TRP A 59 2.08 42.08 20.88
CA TRP A 59 3.31 41.47 20.41
C TRP A 59 3.86 40.38 21.34
N SER A 60 3.16 40.11 22.44
CA SER A 60 3.68 39.24 23.51
C SER A 60 3.80 37.76 23.12
N ASP A 61 3.22 37.39 21.99
CA ASP A 61 3.33 36.02 21.49
C ASP A 61 4.43 35.84 20.45
N HIS A 62 4.97 36.95 19.94
CA HIS A 62 5.95 36.89 18.87
C HIS A 62 7.33 36.45 19.33
N ALA A 63 8.01 35.70 18.48
CA ALA A 63 9.38 35.28 18.73
C ALA A 63 10.15 35.16 17.42
N ILE A 64 11.43 34.83 17.54
CA ILE A 64 12.29 34.66 16.38
C ILE A 64 12.66 33.19 16.22
N TRP A 65 12.41 32.68 15.02
CA TRP A 65 12.80 31.34 14.63
C TRP A 65 14.11 31.40 13.82
N TRP A 66 15.12 30.68 14.30
CA TRP A 66 16.39 30.58 13.60
C TRP A 66 16.43 29.29 12.77
N GLU A 67 16.25 29.46 11.45
CA GLU A 67 16.14 28.36 10.48
C GLU A 67 17.29 27.35 10.53
N GLN A 68 18.52 27.86 10.44
CA GLN A 68 19.72 27.02 10.35
C GLN A 68 19.89 26.08 11.54
N LYS A 69 19.58 26.56 12.74
CA LYS A 69 19.72 25.75 13.94
C LYS A 69 18.40 25.10 14.39
N ARG A 70 17.34 25.31 13.61
CA ARG A 70 15.99 24.80 13.90
C ARG A 70 15.62 25.06 15.36
N GLN A 71 15.61 26.34 15.72
CA GLN A 71 15.50 26.75 17.12
C GLN A 71 14.87 28.12 17.27
N TRP A 72 14.00 28.24 18.27
CA TRP A 72 13.44 29.51 18.70
C TRP A 72 14.45 30.23 19.60
N LEU A 73 14.54 31.55 19.42
CA LEU A 73 15.41 32.38 20.21
C LEU A 73 14.64 32.88 21.43
N LEU A 74 14.46 31.97 22.38
CA LEU A 74 13.64 32.23 23.56
C LEU A 74 14.44 32.78 24.73
N GLN A 75 15.76 32.74 24.62
CA GLN A 75 16.63 33.30 25.65
C GLN A 75 16.73 34.82 25.46
N THR A 76 15.77 35.53 26.05
CA THR A 76 15.61 36.99 25.95
C THR A 76 16.92 37.77 26.17
N HIS A 77 17.73 37.27 27.10
CA HIS A 77 18.93 37.96 27.57
C HIS A 77 20.27 37.30 27.18
N TRP A 78 20.23 36.43 26.17
CA TRP A 78 21.45 35.99 25.50
C TRP A 78 21.74 36.95 24.36
N THR A 79 23.01 37.04 23.99
CA THR A 79 23.43 37.89 22.89
C THR A 79 23.46 37.08 21.60
N LEU A 80 23.43 37.79 20.47
CA LEU A 80 23.62 37.18 19.14
C LEU A 80 24.92 36.36 19.06
N ASP A 81 25.93 36.81 19.80
CA ASP A 81 27.22 36.13 19.91
C ASP A 81 27.15 34.82 20.69
N LYS A 82 26.39 34.82 21.80
CA LYS A 82 26.17 33.62 22.60
C LYS A 82 25.47 32.52 21.78
N TYR A 83 24.45 32.92 21.02
CA TYR A 83 23.72 32.02 20.13
C TYR A 83 24.55 31.59 18.91
N GLY A 84 25.48 32.45 18.49
CA GLY A 84 26.30 32.20 17.30
C GLY A 84 25.67 32.70 16.02
N ILE A 85 24.82 33.72 16.14
CA ILE A 85 24.14 34.34 15.01
C ILE A 85 25.09 35.32 14.30
N LEU A 86 25.16 35.20 12.98
CA LEU A 86 25.86 36.16 12.14
C LEU A 86 24.91 36.72 11.08
N ALA A 87 25.43 37.53 10.16
CA ALA A 87 24.61 38.22 9.14
C ALA A 87 23.92 37.28 8.14
N ASP A 88 24.39 36.04 8.09
CA ASP A 88 23.86 34.99 7.20
C ASP A 88 22.63 34.24 7.77
N ALA A 89 22.52 34.20 9.09
CA ALA A 89 21.42 33.51 9.79
C ALA A 89 20.06 33.93 9.24
N ARG A 90 19.23 32.94 8.92
CA ARG A 90 17.89 33.17 8.40
C ARG A 90 16.87 33.22 9.56
N LEU A 91 16.50 34.45 9.93
CA LEU A 91 15.67 34.69 11.11
C LEU A 91 14.25 35.06 10.73
N PHE A 92 13.29 34.38 11.38
CA PHE A 92 11.88 34.60 11.08
C PHE A 92 11.13 35.08 12.31
N PHE A 93 10.53 36.26 12.18
CA PHE A 93 9.77 36.89 13.24
C PHE A 93 8.30 36.58 13.02
N GLY A 94 7.72 35.84 13.97
CA GLY A 94 6.33 35.45 13.89
C GLY A 94 5.70 35.00 15.19
N PRO A 95 4.37 34.76 15.19
CA PRO A 95 3.66 34.28 16.39
C PRO A 95 4.08 32.85 16.77
N GLN A 96 4.20 32.61 18.05
CA GLN A 96 4.47 31.31 18.61
C GLN A 96 3.28 30.38 18.48
N HIS A 97 2.09 30.86 18.71
CA HIS A 97 0.83 30.13 18.58
C HIS A 97 0.28 30.28 17.18
N ARG A 98 -0.05 29.14 16.58
CA ARG A 98 -0.57 29.08 15.21
C ARG A 98 -1.72 28.06 15.12
N PRO A 99 -2.58 28.18 14.09
CA PRO A 99 -3.64 27.18 13.91
C PRO A 99 -3.15 25.84 13.41
N VAL A 100 -3.75 24.77 13.95
CA VAL A 100 -3.59 23.40 13.45
C VAL A 100 -4.98 22.78 13.31
N ILE A 101 -5.07 21.73 12.49
CA ILE A 101 -6.26 20.93 12.41
C ILE A 101 -6.02 19.67 13.23
N LEU A 102 -6.74 19.56 14.34
CA LEU A 102 -6.63 18.42 15.22
C LEU A 102 -7.69 17.37 14.87
N ARG A 103 -7.23 16.20 14.44
CA ARG A 103 -8.11 15.09 14.09
C ARG A 103 -8.24 14.19 15.31
N LEU A 104 -9.47 14.06 15.81
CA LEU A 104 -9.75 13.32 17.03
C LEU A 104 -9.91 11.81 16.77
N PRO A 105 -9.76 10.98 17.83
CA PRO A 105 -10.02 9.54 17.63
C PRO A 105 -11.41 9.22 17.05
N ASN A 106 -12.40 10.08 17.28
CA ASN A 106 -13.75 9.92 16.70
C ASN A 106 -13.87 10.31 15.22
N ARG A 107 -12.72 10.71 14.62
CA ARG A 107 -12.60 11.06 13.20
C ARG A 107 -12.98 12.47 12.83
N ARG A 108 -13.58 13.20 13.78
CA ARG A 108 -13.89 14.61 13.54
C ARG A 108 -12.62 15.48 13.61
N ALA A 109 -12.62 16.60 12.93
CA ALA A 109 -11.52 17.51 12.94
C ALA A 109 -11.92 18.80 13.62
N LEU A 110 -10.98 19.41 14.33
CA LEU A 110 -11.24 20.66 15.03
C LEU A 110 -10.10 21.61 14.78
N ARG A 111 -10.39 22.90 14.69
CA ARG A 111 -9.33 23.86 14.45
C ARG A 111 -8.98 24.44 15.75
N LEU A 112 -7.74 24.35 16.12
CA LEU A 112 -7.28 24.82 17.41
C LEU A 112 -5.96 25.56 17.28
N ARG A 113 -5.68 26.38 18.30
CA ARG A 113 -4.44 27.10 18.42
C ARG A 113 -3.49 26.25 19.24
N ALA A 114 -2.28 26.10 18.72
CA ALA A 114 -1.23 25.37 19.41
C ALA A 114 0.06 26.16 19.41
N SER A 115 0.85 26.01 20.48
CA SER A 115 2.19 26.57 20.55
C SER A 115 3.11 25.78 19.62
N PHE A 116 3.80 26.49 18.75
CA PHE A 116 4.80 25.87 17.90
C PHE A 116 6.20 25.91 18.52
N SER A 117 6.27 26.41 19.75
CA SER A 117 7.55 26.59 20.46
C SER A 117 7.69 25.82 21.77
N GLN A 118 6.57 25.45 22.41
CA GLN A 118 6.62 24.60 23.59
C GLN A 118 6.98 23.17 23.20
N PRO A 119 7.66 22.43 24.11
CA PRO A 119 7.82 20.99 23.83
C PRO A 119 6.45 20.33 23.67
N LEU A 120 6.38 19.38 22.74
CA LEU A 120 5.14 18.73 22.34
C LEU A 120 4.27 18.27 23.50
N PHE A 121 4.87 17.66 24.53
CA PHE A 121 4.07 17.13 25.64
C PHE A 121 3.29 18.21 26.40
N GLN A 122 3.82 19.43 26.44
CA GLN A 122 3.13 20.59 27.03
C GLN A 122 1.97 21.04 26.17
N ALA A 123 2.20 21.03 24.85
CA ALA A 123 1.17 21.36 23.86
C ALA A 123 0.02 20.34 23.90
N VAL A 124 0.36 19.07 24.14
CA VAL A 124 -0.61 18.00 24.29
C VAL A 124 -1.40 18.18 25.58
N ALA A 125 -0.70 18.56 26.66
CA ALA A 125 -1.35 18.81 27.95
C ALA A 125 -2.35 19.95 27.83
N ALA A 126 -1.99 20.98 27.07
CA ALA A 126 -2.84 22.14 26.83
C ALA A 126 -4.09 21.78 26.03
N ILE A 127 -3.88 21.12 24.88
CA ILE A 127 -4.96 20.55 24.07
C ILE A 127 -5.94 19.71 24.91
N CYS A 128 -5.42 18.75 25.68
CA CYS A 128 -6.27 17.87 26.50
C CYS A 128 -7.02 18.61 27.61
N ARG A 129 -6.40 19.68 28.12
CA ARG A 129 -7.04 20.57 29.08
C ARG A 129 -8.29 21.20 28.46
N LEU A 130 -8.15 21.75 27.25
CA LEU A 130 -9.27 22.34 26.54
C LEU A 130 -10.39 21.34 26.20
N LEU A 131 -10.01 20.11 25.87
CA LEU A 131 -10.97 19.07 25.51
C LEU A 131 -11.54 18.31 26.70
N SER A 132 -11.13 18.70 27.91
CA SER A 132 -11.48 18.03 29.17
C SER A 132 -11.11 16.53 29.20
N ILE A 133 -9.94 16.19 28.66
CA ILE A 133 -9.39 14.84 28.72
C ILE A 133 -8.33 14.80 29.81
N ARG A 134 -8.59 14.03 30.87
CA ARG A 134 -7.61 13.82 31.95
C ARG A 134 -6.45 12.95 31.48
N HIS A 135 -5.35 13.03 32.22
CA HIS A 135 -4.13 12.25 31.98
C HIS A 135 -3.57 12.38 30.55
N PRO A 136 -3.24 13.62 30.14
CA PRO A 136 -2.72 13.83 28.78
C PRO A 136 -1.41 13.07 28.48
N GLU A 137 -0.68 12.68 29.52
CA GLU A 137 0.55 11.89 29.38
C GLU A 137 0.33 10.53 28.67
N GLU A 138 -0.92 10.07 28.61
CA GLU A 138 -1.27 8.83 27.91
C GLU A 138 -1.48 9.03 26.40
N LEU A 139 -1.64 10.29 25.99
CA LEU A 139 -1.91 10.65 24.61
C LEU A 139 -0.72 11.37 23.99
N SER A 140 -0.63 11.34 22.67
CA SER A 140 0.29 12.21 21.95
C SER A 140 -0.25 12.49 20.56
N LEU A 141 0.61 13.05 19.70
CA LEU A 141 0.25 13.48 18.35
C LEU A 141 1.01 12.74 17.29
N LEU A 142 0.33 12.48 16.18
CA LEU A 142 0.95 11.95 14.97
C LEU A 142 0.87 12.98 13.88
N ARG A 143 1.92 13.02 13.04
CA ARG A 143 1.91 13.81 11.81
C ARG A 143 1.06 13.13 10.75
N ALA A 144 0.77 13.85 9.67
CA ALA A 144 0.09 13.32 8.47
C ALA A 144 0.80 12.10 7.87
N PRO A 145 0.02 11.12 7.37
CA PRO A 145 0.61 10.00 6.62
C PRO A 145 1.39 10.42 5.37
N GLU A 146 2.21 9.50 4.85
CA GLU A 146 3.02 9.76 3.65
C GLU A 146 2.26 9.42 2.36
N GLU A 160 -16.49 18.89 6.40
CA GLU A 160 -15.11 19.29 6.66
C GLU A 160 -14.82 19.54 8.14
N LEU A 161 -14.84 20.82 8.53
CA LEU A 161 -14.29 21.25 9.82
C LEU A 161 -15.34 21.55 10.87
N TYR A 162 -15.04 21.13 12.10
CA TYR A 162 -15.92 21.29 13.24
C TYR A 162 -15.42 22.40 14.19
N ASP A 163 -16.31 22.85 15.06
CA ASP A 163 -15.93 23.76 16.14
C ASP A 163 -16.19 23.12 17.50
N LEU A 164 -15.45 23.63 18.49
CA LEU A 164 -15.40 23.10 19.84
C LEU A 164 -16.78 23.06 20.49
N SER A 165 -17.12 21.91 21.08
CA SER A 165 -18.36 21.73 21.83
C SER A 165 -18.30 20.48 22.70
N TYR A 166 -19.13 20.44 23.73
CA TYR A 166 -19.27 19.25 24.57
C TYR A 166 -19.92 18.08 23.84
N HIS A 167 -21.00 18.33 23.08
CA HIS A 167 -21.77 17.27 22.40
C HIS A 167 -20.90 16.45 21.44
N MET A 168 -20.07 17.14 20.67
CA MET A 168 -19.20 16.50 19.70
C MET A 168 -18.13 15.63 20.38
N LEU A 169 -17.62 16.11 21.52
CA LEU A 169 -16.54 15.44 22.24
C LEU A 169 -17.04 14.26 23.08
N SER A 170 -18.25 14.40 23.62
CA SER A 170 -18.80 13.42 24.58
C SER A 170 -19.74 12.38 23.99
N ARG A 171 -20.33 12.69 22.83
CA ARG A 171 -21.28 11.76 22.20
C ARG A 171 -20.58 10.94 21.14
N PRO A 172 -20.85 9.61 21.11
CA PRO A 172 -20.30 8.79 20.04
C PRO A 172 -20.82 9.23 18.67
N GLN A 173 -19.97 9.06 17.67
CA GLN A 173 -20.22 9.47 16.31
C GLN A 173 -20.97 8.33 15.60
N PRO A 174 -21.93 8.66 14.69
CA PRO A 174 -22.75 7.62 14.05
C PRO A 174 -21.92 6.63 13.23
N PRO A 175 -22.41 5.37 13.06
CA PRO A 175 -21.68 4.39 12.26
C PRO A 175 -21.37 4.91 10.86
N PRO A 176 -20.16 4.63 10.35
CA PRO A 176 -19.79 5.13 9.03
C PRO A 176 -20.52 4.40 7.90
N ASP A 177 -20.50 4.99 6.71
CA ASP A 177 -20.88 4.31 5.48
C ASP A 177 -19.94 3.11 5.34
N PRO A 178 -20.49 1.88 5.11
CA PRO A 178 -19.66 0.68 4.91
C PRO A 178 -18.61 0.87 3.81
N LEU A 179 -18.98 1.60 2.75
CA LEU A 179 -18.11 1.89 1.62
C LEU A 179 -16.85 2.61 2.05
N LEU A 180 -16.98 3.56 2.99
CA LEU A 180 -15.81 4.21 3.58
C LEU A 180 -14.84 3.19 4.20
N LEU A 181 -15.36 2.20 4.92
CA LEU A 181 -14.53 1.15 5.54
C LEU A 181 -13.76 0.31 4.51
N GLN A 182 -14.44 -0.07 3.42
CA GLN A 182 -13.84 -0.89 2.36
C GLN A 182 -12.77 -0.13 1.54
N ARG A 183 -12.86 1.20 1.53
CA ARG A 183 -12.04 2.03 0.66
C ARG A 183 -10.91 2.78 1.36
N LEU A 184 -10.90 2.76 2.68
CA LEU A 184 -9.79 3.30 3.46
C LEU A 184 -8.69 2.24 3.49
N PRO A 185 -7.40 2.67 3.57
CA PRO A 185 -6.33 1.67 3.62
C PRO A 185 -6.32 0.94 4.95
N ARG A 186 -6.17 -0.38 4.89
CA ARG A 186 -6.23 -1.24 6.06
C ARG A 186 -5.06 -2.21 6.07
N PRO A 187 -4.47 -2.45 7.26
CA PRO A 187 -3.37 -3.43 7.35
C PRO A 187 -3.84 -4.86 7.08
N SER A 188 -2.98 -5.64 6.43
CA SER A 188 -3.27 -7.06 6.14
C SER A 188 -2.06 -7.94 6.44
N SER A 189 -1.14 -7.45 7.26
CA SER A 189 -0.01 -8.21 7.77
C SER A 189 0.47 -7.55 9.05
N LEU A 190 1.21 -8.31 9.84
CA LEU A 190 1.88 -7.77 11.00
C LEU A 190 2.77 -6.55 10.65
N SER A 191 3.54 -6.66 9.58
CA SER A 191 4.44 -5.56 9.12
C SER A 191 3.72 -4.28 8.72
N ASP A 192 2.54 -4.41 8.11
CA ASP A 192 1.65 -3.25 7.77
C ASP A 192 1.33 -2.42 9.01
N LYS A 193 1.27 -3.10 10.15
CA LYS A 193 0.86 -2.49 11.42
C LYS A 193 1.98 -1.66 12.05
N THR A 194 3.20 -1.75 11.51
CA THR A 194 4.30 -0.89 11.93
C THR A 194 4.21 0.53 11.39
N GLN A 195 3.44 0.74 10.32
CA GLN A 195 3.46 2.02 9.59
C GLN A 195 3.00 3.21 10.45
N LEU A 196 1.93 3.00 11.21
CA LEU A 196 1.36 4.02 12.09
C LEU A 196 2.41 4.61 13.05
N HIS A 197 3.29 3.77 13.56
CA HIS A 197 4.18 4.18 14.62
C HIS A 197 5.36 5.03 14.14
N SER A 198 5.56 5.10 12.83
CA SER A 198 6.50 6.04 12.24
C SER A 198 6.04 7.48 12.37
N ARG A 199 4.78 7.69 12.74
CA ARG A 199 4.17 9.01 12.65
C ARG A 199 4.15 9.81 13.96
N TRP A 200 4.48 9.16 15.08
CA TRP A 200 4.58 9.82 16.37
C TRP A 200 5.59 10.93 16.33
N LEU A 201 5.20 12.08 16.88
CA LEU A 201 6.11 13.20 17.05
C LEU A 201 6.88 13.05 18.35
N ASP A 202 7.97 13.80 18.45
CA ASP A 202 8.88 13.75 19.60
C ASP A 202 8.35 14.70 20.68
N SER A 203 8.04 14.16 21.87
CA SER A 203 7.43 15.01 22.89
C SER A 203 8.38 15.94 23.64
N SER A 204 9.69 15.78 23.43
CA SER A 204 10.69 16.66 24.04
C SER A 204 11.01 17.85 23.14
N ARG A 205 10.46 17.84 21.93
CA ARG A 205 10.72 18.90 20.96
C ARG A 205 9.45 19.60 20.54
N CYS A 206 9.63 20.78 19.94
CA CYS A 206 8.48 21.60 19.55
C CYS A 206 8.03 21.33 18.10
N LEU A 207 6.82 21.77 17.77
CA LEU A 207 6.24 21.52 16.45
C LEU A 207 7.07 22.08 15.30
N MET A 208 7.51 23.32 15.43
CA MET A 208 8.34 24.01 14.44
C MET A 208 9.61 23.20 14.12
N GLN A 209 10.23 22.66 15.17
CA GLN A 209 11.42 21.82 15.06
C GLN A 209 11.18 20.52 14.26
N GLN A 210 9.94 20.06 14.22
CA GLN A 210 9.62 18.76 13.64
C GLN A 210 8.93 18.83 12.28
N GLY A 211 9.03 19.98 11.61
CA GLY A 211 8.49 20.16 10.26
C GLY A 211 6.99 20.45 10.13
N ILE A 212 6.32 20.69 11.26
CA ILE A 212 4.90 21.08 11.25
C ILE A 212 4.77 22.58 10.97
N LYS A 213 3.87 22.91 10.06
CA LYS A 213 3.56 24.29 9.69
C LYS A 213 2.15 24.64 10.14
N ALA A 214 1.86 25.93 10.24
CA ALA A 214 0.49 26.41 10.48
C ALA A 214 -0.48 25.78 9.49
N GLY A 215 -1.63 25.33 9.99
CA GLY A 215 -2.68 24.74 9.15
C GLY A 215 -2.58 23.25 8.89
N ASP A 216 -1.48 22.62 9.28
CA ASP A 216 -1.31 21.18 9.15
C ASP A 216 -2.24 20.39 10.08
N ALA A 217 -2.60 19.19 9.62
CA ALA A 217 -3.36 18.23 10.40
C ALA A 217 -2.43 17.46 11.33
N LEU A 218 -2.89 17.29 12.57
CA LEU A 218 -2.23 16.45 13.57
C LEU A 218 -3.28 15.56 14.17
N TRP A 219 -2.92 14.31 14.42
CA TRP A 219 -3.84 13.33 14.95
C TRP A 219 -3.63 13.17 16.43
N LEU A 220 -4.67 13.41 17.22
CA LEU A 220 -4.60 13.14 18.65
C LEU A 220 -5.00 11.69 18.92
N ARG A 221 -4.08 10.90 19.48
CA ARG A 221 -4.31 9.49 19.79
C ARG A 221 -3.84 9.11 21.18
N PHE A 222 -4.50 8.12 21.76
CA PHE A 222 -4.01 7.43 22.94
C PHE A 222 -2.82 6.58 22.51
N LYS A 223 -1.68 6.84 23.14
CA LYS A 223 -0.41 6.28 22.73
C LYS A 223 -0.02 5.09 23.60
N TYR A 224 -0.22 5.24 24.91
CA TYR A 224 0.19 4.25 25.88
C TYR A 224 -1.04 3.55 26.41
N TYR A 225 -1.07 2.23 26.23
CA TYR A 225 -2.18 1.39 26.65
C TYR A 225 -2.10 1.07 28.15
N SER A 226 -2.10 2.13 28.94
CA SER A 226 -2.00 2.06 30.38
C SER A 226 -2.82 3.22 30.96
N PHE A 227 -4.11 2.96 31.14
CA PHE A 227 -5.09 3.99 31.47
C PHE A 227 -5.32 4.10 32.96
N PHE A 228 -4.81 5.19 33.55
CA PHE A 228 -4.89 5.43 34.98
C PHE A 228 -6.27 5.99 35.34
N ASP A 229 -6.93 5.33 36.28
CA ASP A 229 -8.19 5.84 36.86
C ASP A 229 -9.24 6.18 35.81
N LEU A 230 -9.53 5.23 34.93
CA LEU A 230 -10.56 5.44 33.95
C LEU A 230 -11.88 4.98 34.56
N ASP A 231 -12.72 5.94 34.93
CA ASP A 231 -14.05 5.58 35.40
C ASP A 231 -15.15 6.17 34.52
N PRO A 232 -16.24 5.39 34.30
CA PRO A 232 -17.38 5.81 33.50
C PRO A 232 -17.87 7.22 33.86
N LYS A 233 -18.01 7.50 35.15
CA LYS A 233 -18.66 8.72 35.62
C LYS A 233 -17.90 10.02 35.35
N THR A 234 -16.62 10.04 35.71
CA THR A 234 -15.81 11.26 35.76
C THR A 234 -15.35 11.80 34.39
N ASP A 235 -15.07 10.88 33.46
CA ASP A 235 -14.35 11.23 32.22
C ASP A 235 -15.16 10.99 30.94
N PRO A 236 -16.30 11.70 30.75
CA PRO A 236 -17.11 11.36 29.55
C PRO A 236 -16.41 11.58 28.21
N VAL A 237 -15.68 12.68 28.05
CA VAL A 237 -14.93 12.93 26.81
C VAL A 237 -13.80 11.90 26.62
N ARG A 238 -13.04 11.68 27.68
CA ARG A 238 -11.95 10.69 27.70
C ARG A 238 -12.44 9.29 27.35
N LEU A 239 -13.52 8.86 28.00
CA LEU A 239 -14.12 7.56 27.76
C LEU A 239 -14.58 7.41 26.30
N THR A 240 -15.38 8.37 25.82
CA THR A 240 -15.85 8.40 24.44
C THR A 240 -14.71 8.38 23.41
N GLN A 241 -13.69 9.22 23.59
CA GLN A 241 -12.58 9.23 22.64
C GLN A 241 -11.79 7.91 22.65
N LEU A 242 -11.56 7.35 23.83
CA LEU A 242 -10.88 6.05 23.91
C LEU A 242 -11.70 4.96 23.21
N TYR A 243 -13.00 4.96 23.50
CA TYR A 243 -13.92 4.04 22.86
C TYR A 243 -13.84 4.16 21.35
N GLU A 244 -13.87 5.40 20.86
CA GLU A 244 -13.79 5.68 19.43
C GLU A 244 -12.49 5.20 18.81
N GLN A 245 -11.37 5.36 19.52
CA GLN A 245 -10.09 4.87 19.02
C GLN A 245 -10.09 3.35 18.87
N ALA A 246 -10.57 2.65 19.91
CA ALA A 246 -10.70 1.20 19.91
C ALA A 246 -11.60 0.73 18.78
N ARG A 247 -12.75 1.39 18.66
CA ARG A 247 -13.74 1.10 17.64
C ARG A 247 -13.16 1.19 16.24
N TRP A 248 -12.50 2.31 15.94
CA TRP A 248 -11.89 2.50 14.63
C TRP A 248 -10.70 1.56 14.36
N ASP A 249 -9.95 1.18 15.39
CA ASP A 249 -8.94 0.13 15.21
C ASP A 249 -9.56 -1.19 14.79
N LEU A 250 -10.73 -1.51 15.34
CA LEU A 250 -11.41 -2.75 14.98
C LEU A 250 -12.04 -2.65 13.60
N LEU A 251 -12.75 -1.56 13.32
CA LEU A 251 -13.43 -1.38 12.04
C LEU A 251 -12.42 -1.34 10.89
N LEU A 252 -11.27 -0.72 11.11
CA LEU A 252 -10.24 -0.59 10.08
C LEU A 252 -9.16 -1.69 10.13
N GLU A 253 -9.40 -2.70 10.97
CA GLU A 253 -8.59 -3.93 11.04
C GLU A 253 -7.13 -3.68 11.49
N GLU A 254 -6.93 -2.58 12.20
CA GLU A 254 -5.66 -2.30 12.88
C GLU A 254 -5.33 -3.35 13.96
N ILE A 255 -6.39 -3.94 14.54
CA ILE A 255 -6.26 -5.06 15.46
C ILE A 255 -7.24 -6.13 15.04
N ASP A 256 -6.86 -7.38 15.29
CA ASP A 256 -7.64 -8.53 14.91
C ASP A 256 -8.59 -8.99 16.01
N CYS A 257 -9.64 -9.69 15.61
CA CYS A 257 -10.55 -10.37 16.53
C CYS A 257 -11.25 -11.48 15.76
N THR A 258 -11.83 -12.43 16.50
CA THR A 258 -12.62 -13.51 15.90
C THR A 258 -14.00 -13.02 15.44
N GLU A 259 -14.70 -13.87 14.69
CA GLU A 259 -16.12 -13.69 14.34
C GLU A 259 -17.02 -13.36 15.53
N GLU A 260 -16.99 -14.21 16.55
CA GLU A 260 -17.78 -14.04 17.79
C GLU A 260 -17.49 -12.73 18.47
N GLU A 261 -16.20 -12.39 18.56
CA GLU A 261 -15.75 -11.14 19.17
C GLU A 261 -16.29 -9.93 18.41
N MET A 262 -16.29 -10.03 17.08
CA MET A 262 -16.82 -9.00 16.21
C MET A 262 -18.33 -8.77 16.44
N MET A 263 -19.08 -9.85 16.64
CA MET A 263 -20.53 -9.74 16.89
C MET A 263 -20.84 -8.98 18.17
N VAL A 264 -20.10 -9.24 19.26
CA VAL A 264 -20.32 -8.44 20.49
C VAL A 264 -19.83 -6.99 20.34
N PHE A 265 -18.73 -6.77 19.60
CA PHE A 265 -18.29 -5.40 19.29
C PHE A 265 -19.37 -4.65 18.49
N ALA A 266 -19.96 -5.33 17.52
CA ALA A 266 -21.02 -4.78 16.69
C ALA A 266 -22.26 -4.43 17.52
N ALA A 267 -22.67 -5.36 18.39
CA ALA A 267 -23.84 -5.18 19.26
C ALA A 267 -23.64 -4.00 20.20
N LEU A 268 -22.42 -3.86 20.73
CA LEU A 268 -22.10 -2.77 21.62
C LEU A 268 -22.12 -1.41 20.91
N GLN A 269 -21.59 -1.36 19.69
CA GLN A 269 -21.62 -0.14 18.87
C GLN A 269 -23.05 0.30 18.59
N TYR A 270 -23.89 -0.67 18.21
CA TYR A 270 -25.28 -0.41 17.93
C TYR A 270 -25.98 0.17 19.17
N HIS A 271 -25.77 -0.49 20.31
CA HIS A 271 -26.35 -0.09 21.61
C HIS A 271 -25.93 1.30 22.02
N ILE A 272 -24.62 1.57 21.92
CA ILE A 272 -24.05 2.88 22.22
C ILE A 272 -24.68 3.97 21.34
N ASN A 273 -24.84 3.67 20.05
CA ASN A 273 -25.40 4.61 19.11
C ASN A 273 -26.90 4.90 19.35
N LYS A 274 -27.68 3.84 19.58
CA LYS A 274 -29.11 3.99 19.86
C LYS A 274 -29.36 4.81 21.14
N LEU A 275 -28.56 4.57 22.19
CA LEU A 275 -28.65 5.32 23.42
C LEU A 275 -28.26 6.76 23.25
N SER A 276 -27.26 7.02 22.39
CA SER A 276 -26.83 8.38 22.09
C SER A 276 -27.94 9.19 21.42
N GLN A 277 -28.64 8.56 20.47
CA GLN A 277 -29.68 9.23 19.67
C GLN A 277 -30.88 9.70 20.49
N SER A 278 -31.44 8.82 21.32
CA SER A 278 -32.59 9.17 22.16
C SER A 278 -32.21 9.92 23.45
N GLY A 279 -30.97 10.41 23.52
CA GLY A 279 -30.48 11.21 24.66
C GLY A 279 -29.90 10.37 25.78
N GLY A 317 -32.70 0.23 8.48
CA GLY A 317 -32.57 -0.95 9.34
C GLY A 317 -31.40 -0.87 10.30
N LEU A 318 -30.89 -2.03 10.69
CA LEU A 318 -29.73 -2.14 11.57
C LEU A 318 -28.42 -1.67 10.89
N ASN A 319 -28.36 -1.86 9.57
CA ASN A 319 -27.18 -1.57 8.75
C ASN A 319 -25.91 -2.24 9.34
N PRO A 320 -25.90 -3.59 9.39
CA PRO A 320 -24.82 -4.27 10.12
C PRO A 320 -23.43 -4.10 9.50
N TYR A 321 -23.38 -3.73 8.22
CA TYR A 321 -22.12 -3.47 7.55
C TYR A 321 -21.41 -2.23 8.07
N GLY A 322 -22.16 -1.32 8.69
CA GLY A 322 -21.58 -0.15 9.33
C GLY A 322 -20.97 -0.44 10.70
N LEU A 323 -21.05 -1.68 11.14
CA LEU A 323 -20.66 -2.07 12.50
C LEU A 323 -19.52 -3.09 12.54
N VAL A 324 -19.13 -3.61 11.38
CA VAL A 324 -18.15 -4.69 11.33
C VAL A 324 -16.99 -4.33 10.38
N ALA A 325 -15.85 -4.97 10.60
CA ALA A 325 -14.68 -4.81 9.74
C ALA A 325 -14.97 -5.34 8.33
N PRO A 326 -14.38 -4.73 7.28
CA PRO A 326 -14.59 -5.18 5.90
C PRO A 326 -14.45 -6.68 5.66
N ARG A 327 -13.49 -7.35 6.28
CA ARG A 327 -13.34 -8.82 6.07
C ARG A 327 -14.64 -9.59 6.38
N PHE A 328 -15.42 -9.11 7.35
CA PHE A 328 -16.71 -9.71 7.70
C PHE A 328 -17.81 -9.31 6.73
N GLN A 329 -17.73 -8.06 6.24
CA GLN A 329 -18.65 -7.55 5.23
CA GLN A 329 -18.65 -7.53 5.22
C GLN A 329 -18.57 -8.36 3.94
N ARG A 330 -17.35 -8.74 3.57
CA ARG A 330 -17.08 -9.49 2.35
C ARG A 330 -17.26 -11.01 2.51
N LYS A 331 -17.30 -11.48 3.75
CA LYS A 331 -17.54 -12.90 4.04
C LYS A 331 -19.03 -13.21 4.24
N PHE A 332 -19.77 -12.32 4.90
CA PHE A 332 -21.17 -12.58 5.25
C PHE A 332 -22.13 -11.62 4.59
N LYS A 333 -23.32 -12.13 4.25
CA LYS A 333 -24.42 -11.28 3.79
C LYS A 333 -25.01 -10.52 4.96
N ALA A 334 -25.47 -9.29 4.72
CA ALA A 334 -26.13 -8.46 5.73
C ALA A 334 -27.26 -9.21 6.45
N LYS A 335 -28.01 -10.03 5.68
CA LYS A 335 -29.07 -10.90 6.19
C LYS A 335 -28.58 -11.95 7.19
N GLN A 336 -27.35 -12.44 6.99
CA GLN A 336 -26.73 -13.42 7.89
C GLN A 336 -26.13 -12.75 9.13
N LEU A 337 -25.83 -11.46 9.00
CA LEU A 337 -25.13 -10.71 10.03
C LEU A 337 -26.06 -10.17 11.10
N THR A 338 -27.19 -9.61 10.67
CA THR A 338 -28.22 -9.03 11.55
C THR A 338 -28.64 -9.95 12.72
N PRO A 339 -29.07 -11.21 12.44
CA PRO A 339 -29.54 -12.06 13.55
C PRO A 339 -28.44 -12.34 14.60
N ARG A 340 -27.21 -12.57 14.14
CA ARG A 340 -26.08 -12.81 15.02
C ARG A 340 -25.78 -11.61 15.93
N ILE A 341 -25.89 -10.40 15.36
CA ILE A 341 -25.68 -9.16 16.11
C ILE A 341 -26.80 -8.95 17.14
N LEU A 342 -28.06 -9.14 16.72
CA LEU A 342 -29.22 -9.03 17.62
C LEU A 342 -29.09 -9.98 18.80
N GLU A 343 -28.71 -11.22 18.49
CA GLU A 343 -28.41 -12.25 19.48
C GLU A 343 -27.41 -11.77 20.53
N ALA A 344 -26.25 -11.28 20.07
CA ALA A 344 -25.20 -10.75 20.94
C ALA A 344 -25.66 -9.51 21.70
N HIS A 345 -26.54 -8.72 21.08
CA HIS A 345 -27.12 -7.52 21.68
C HIS A 345 -27.97 -7.84 22.92
N GLN A 346 -28.57 -9.02 22.93
CA GLN A 346 -29.36 -9.50 24.07
C GLN A 346 -28.52 -9.53 25.35
N ASN A 347 -27.23 -9.86 25.23
CA ASN A 347 -26.32 -9.87 26.38
C ASN A 347 -25.89 -8.50 26.92
N VAL A 348 -26.14 -7.42 26.18
CA VAL A 348 -25.65 -6.09 26.55
C VAL A 348 -26.72 -5.00 26.65
N ALA A 349 -27.96 -5.34 26.30
CA ALA A 349 -29.06 -4.36 26.22
C ALA A 349 -29.38 -3.60 27.51
N GLN A 350 -29.00 -4.15 28.65
CA GLN A 350 -29.29 -3.55 29.96
C GLN A 350 -28.32 -2.42 30.32
N LEU A 351 -27.16 -2.37 29.67
CA LEU A 351 -26.09 -1.43 30.01
C LEU A 351 -26.42 0.02 29.63
N SER A 352 -25.95 0.96 30.46
CA SER A 352 -25.98 2.36 30.09
C SER A 352 -24.93 2.65 29.00
N LEU A 353 -24.99 3.85 28.42
CA LEU A 353 -24.05 4.25 27.38
C LEU A 353 -22.61 4.11 27.88
N ALA A 354 -22.33 4.66 29.06
CA ALA A 354 -20.99 4.69 29.63
C ALA A 354 -20.51 3.29 30.00
N GLU A 355 -21.40 2.47 30.54
CA GLU A 355 -21.11 1.07 30.85
C GLU A 355 -20.78 0.24 29.60
N ALA A 356 -21.52 0.50 28.51
CA ALA A 356 -21.30 -0.19 27.23
C ALA A 356 -19.98 0.25 26.56
N GLN A 357 -19.65 1.54 26.68
CA GLN A 357 -18.36 2.06 26.22
C GLN A 357 -17.20 1.42 26.96
N LEU A 358 -17.33 1.31 28.28
CA LEU A 358 -16.34 0.62 29.11
C LEU A 358 -16.24 -0.86 28.74
N ARG A 359 -17.39 -1.53 28.58
CA ARG A 359 -17.44 -2.93 28.15
C ARG A 359 -16.69 -3.15 26.83
N PHE A 360 -16.90 -2.26 25.86
CA PHE A 360 -16.23 -2.30 24.56
C PHE A 360 -14.70 -2.23 24.74
N ILE A 361 -14.26 -1.28 25.56
CA ILE A 361 -12.85 -1.10 25.89
C ILE A 361 -12.25 -2.35 26.51
N GLN A 362 -12.98 -2.96 27.45
CA GLN A 362 -12.50 -4.15 28.17
C GLN A 362 -12.35 -5.36 27.28
N ALA A 363 -13.32 -5.56 26.38
CA ALA A 363 -13.27 -6.62 25.38
C ALA A 363 -12.09 -6.41 24.39
N TRP A 364 -11.81 -5.15 24.06
CA TRP A 364 -10.68 -4.76 23.23
C TRP A 364 -9.35 -5.07 23.95
N GLN A 365 -9.28 -4.69 25.24
CA GLN A 365 -8.13 -5.03 26.09
C GLN A 365 -7.87 -6.53 26.22
N SER A 366 -8.88 -7.36 25.96
CA SER A 366 -8.74 -8.80 26.09
C SER A 366 -8.28 -9.50 24.81
N LEU A 367 -8.20 -8.76 23.71
CA LEU A 367 -7.73 -9.31 22.44
C LEU A 367 -6.25 -9.72 22.52
N PRO A 368 -5.86 -10.82 21.82
CA PRO A 368 -4.45 -11.29 21.85
C PRO A 368 -3.38 -10.25 21.48
N ASP A 369 -3.66 -9.38 20.51
CA ASP A 369 -2.68 -8.39 20.04
C ASP A 369 -2.82 -7.02 20.70
N PHE A 370 -3.71 -6.92 21.69
CA PHE A 370 -3.99 -5.65 22.31
C PHE A 370 -2.77 -5.04 23.00
N GLY A 371 -2.63 -3.74 22.87
CA GLY A 371 -1.68 -2.98 23.65
C GLY A 371 -0.24 -3.12 23.17
N ILE A 372 -0.07 -3.46 21.89
CA ILE A 372 1.27 -3.64 21.34
C ILE A 372 1.48 -2.70 20.15
N SER A 373 2.54 -1.90 20.22
CA SER A 373 2.93 -1.03 19.12
C SER A 373 4.11 -1.70 18.41
N TYR A 374 3.91 -2.07 17.15
CA TYR A 374 4.91 -2.80 16.39
C TYR A 374 5.87 -1.88 15.65
N VAL A 375 7.17 -2.19 15.74
CA VAL A 375 8.24 -1.45 15.04
C VAL A 375 9.13 -2.45 14.29
N MET A 376 9.38 -2.18 13.01
CA MET A 376 10.30 -2.96 12.20
C MET A 376 11.73 -2.62 12.63
N VAL A 377 12.52 -3.64 12.97
CA VAL A 377 13.89 -3.45 13.48
C VAL A 377 14.86 -4.47 12.89
N ARG A 378 16.14 -4.26 13.14
CA ARG A 378 17.16 -5.25 12.84
C ARG A 378 18.00 -5.40 14.10
N PHE A 379 17.89 -6.57 14.74
CA PHE A 379 18.70 -6.88 15.92
C PHE A 379 20.18 -7.04 15.56
N LYS A 380 21.05 -6.61 16.47
CA LYS A 380 22.49 -6.68 16.24
C LYS A 380 22.91 -8.11 15.93
N GLY A 381 23.69 -8.28 14.86
CA GLY A 381 24.14 -9.57 14.39
C GLY A 381 23.13 -10.36 13.58
N SER A 382 21.92 -9.81 13.43
CA SER A 382 20.87 -10.45 12.66
C SER A 382 21.00 -10.15 11.19
N ARG A 383 20.64 -11.10 10.35
CA ARG A 383 20.74 -10.92 8.90
C ARG A 383 19.40 -10.62 8.23
N LYS A 384 18.35 -10.42 9.04
CA LYS A 384 17.01 -10.13 8.53
C LYS A 384 16.26 -9.16 9.44
N ASP A 385 15.37 -8.38 8.86
CA ASP A 385 14.52 -7.49 9.64
C ASP A 385 13.51 -8.32 10.44
N GLU A 386 13.26 -7.89 11.67
CA GLU A 386 12.29 -8.55 12.54
C GLU A 386 11.41 -7.49 13.17
N ILE A 387 10.32 -7.92 13.80
CA ILE A 387 9.41 -7.00 14.47
C ILE A 387 9.71 -6.92 15.96
N LEU A 388 9.81 -5.68 16.45
CA LEU A 388 9.84 -5.43 17.86
C LEU A 388 8.45 -4.97 18.31
N GLY A 389 7.86 -5.70 19.26
CA GLY A 389 6.60 -5.28 19.86
C GLY A 389 6.85 -4.53 21.14
N ILE A 390 6.27 -3.33 21.23
CA ILE A 390 6.33 -2.53 22.48
C ILE A 390 4.97 -2.57 23.17
N ALA A 391 4.97 -3.14 24.38
CA ALA A 391 3.74 -3.24 25.19
C ALA A 391 3.91 -2.47 26.51
N ASN A 392 2.88 -2.41 27.36
CA ASN A 392 3.00 -1.60 28.59
C ASN A 392 3.96 -2.12 29.65
N ASN A 393 4.30 -3.40 29.57
CA ASN A 393 5.17 -4.02 30.59
C ASN A 393 6.38 -4.78 30.02
N ARG A 394 6.52 -4.79 28.70
CA ARG A 394 7.48 -5.68 28.05
C ARG A 394 7.82 -5.30 26.62
N LEU A 395 8.95 -5.84 26.16
CA LEU A 395 9.33 -5.86 24.76
C LEU A 395 9.24 -7.28 24.26
N ILE A 396 8.79 -7.45 23.03
CA ILE A 396 8.74 -8.77 22.42
C ILE A 396 9.44 -8.75 21.08
N ARG A 397 10.06 -9.87 20.74
CA ARG A 397 10.73 -10.05 19.46
C ARG A 397 9.94 -11.03 18.63
N ILE A 398 9.51 -10.58 17.44
CA ILE A 398 8.78 -11.43 16.50
C ILE A 398 9.63 -11.73 15.27
N ASP A 399 9.88 -13.02 15.06
CA ASP A 399 10.55 -13.51 13.86
C ASP A 399 9.49 -13.65 12.77
N LEU A 400 9.67 -12.93 11.66
CA LEU A 400 8.69 -12.89 10.57
C LEU A 400 8.63 -14.18 9.77
N ALA A 401 9.76 -14.87 9.69
CA ALA A 401 9.83 -16.17 9.03
C ALA A 401 9.00 -17.20 9.81
N VAL A 402 9.19 -17.23 11.14
CA VAL A 402 8.42 -18.07 12.06
C VAL A 402 6.95 -17.60 12.17
N GLY A 403 6.74 -16.28 12.21
CA GLY A 403 5.44 -15.69 12.53
C GLY A 403 5.21 -15.48 14.02
N ASP A 404 6.04 -16.11 14.85
CA ASP A 404 5.88 -16.13 16.30
C ASP A 404 6.79 -15.21 17.08
N VAL A 405 6.31 -14.82 18.26
CA VAL A 405 7.13 -14.27 19.34
C VAL A 405 8.20 -15.31 19.66
N VAL A 406 9.46 -14.88 19.65
CA VAL A 406 10.57 -15.78 19.99
C VAL A 406 11.30 -15.39 21.26
N LYS A 407 11.01 -14.19 21.78
CA LYS A 407 11.69 -13.66 22.95
C LYS A 407 10.90 -12.52 23.58
N THR A 408 10.93 -12.48 24.90
CA THR A 408 10.29 -11.43 25.70
C THR A 408 11.31 -10.87 26.67
N TRP A 409 11.32 -9.56 26.84
CA TRP A 409 12.08 -8.91 27.90
C TRP A 409 11.14 -8.05 28.72
N ARG A 410 11.07 -8.34 30.02
CA ARG A 410 10.17 -7.62 30.94
C ARG A 410 10.76 -6.27 31.33
N PHE A 411 9.89 -5.26 31.42
CA PHE A 411 10.26 -3.92 31.91
C PHE A 411 10.74 -3.98 33.37
N SER A 412 10.16 -4.90 34.14
CA SER A 412 10.58 -5.16 35.51
C SER A 412 12.06 -5.55 35.64
N ASN A 413 12.64 -6.11 34.57
CA ASN A 413 14.07 -6.49 34.54
C ASN A 413 14.98 -5.47 33.85
N MET A 414 14.42 -4.32 33.47
CA MET A 414 15.16 -3.33 32.68
C MET A 414 15.93 -2.36 33.56
N ARG A 415 17.23 -2.24 33.27
CA ARG A 415 18.13 -1.39 34.05
C ARG A 415 18.37 -0.02 33.40
N GLN A 416 18.82 -0.02 32.15
CA GLN A 416 19.04 1.22 31.40
C GLN A 416 18.78 1.04 29.90
N TRP A 417 18.46 2.14 29.24
CA TRP A 417 18.18 2.16 27.80
C TRP A 417 18.67 3.47 27.19
N ASN A 418 19.42 3.35 26.10
CA ASN A 418 20.08 4.49 25.47
C ASN A 418 20.06 4.34 23.95
N VAL A 419 20.30 5.46 23.26
CA VAL A 419 20.62 5.42 21.84
C VAL A 419 22.10 5.73 21.67
N ASN A 420 22.81 4.82 21.00
CA ASN A 420 24.16 5.12 20.51
C ASN A 420 23.97 5.84 19.17
N TRP A 421 24.09 7.17 19.21
CA TRP A 421 23.76 8.03 18.07
C TRP A 421 24.65 7.91 16.84
N ASP A 422 25.87 7.43 17.03
CA ASP A 422 26.80 7.27 15.91
C ASP A 422 26.47 6.08 15.00
N ILE A 423 25.83 5.05 15.56
CA ILE A 423 25.37 3.88 14.78
C ILE A 423 23.86 3.75 14.62
N ARG A 424 23.14 4.76 15.15
CA ARG A 424 21.66 4.82 15.15
C ARG A 424 21.05 3.51 15.66
N GLN A 425 21.46 3.15 16.87
CA GLN A 425 21.16 1.87 17.46
C GLN A 425 20.66 2.04 18.90
N VAL A 426 19.53 1.42 19.20
CA VAL A 426 19.00 1.38 20.57
C VAL A 426 19.70 0.25 21.33
N ALA A 427 20.15 0.56 22.54
CA ALA A 427 20.82 -0.41 23.41
C ALA A 427 20.17 -0.43 24.77
N ILE A 428 19.81 -1.63 25.23
CA ILE A 428 19.09 -1.77 26.49
C ILE A 428 19.78 -2.83 27.35
N GLU A 429 19.97 -2.51 28.63
CA GLU A 429 20.56 -3.44 29.60
C GLU A 429 19.49 -3.99 30.55
N PHE A 430 19.53 -5.31 30.72
CA PHE A 430 18.61 -6.00 31.62
C PHE A 430 19.36 -6.69 32.76
N ASP A 431 18.59 -7.11 33.77
CA ASP A 431 19.08 -7.90 34.91
C ASP A 431 19.93 -9.08 34.46
N GLU A 432 20.96 -9.37 35.25
CA GLU A 432 21.90 -10.48 35.01
C GLU A 432 22.69 -10.27 33.71
N HIS A 433 23.05 -9.01 33.46
CA HIS A 433 23.89 -8.60 32.31
C HIS A 433 23.42 -9.15 30.95
N ILE A 434 22.11 -9.01 30.70
CA ILE A 434 21.50 -9.33 29.41
C ILE A 434 21.42 -8.03 28.60
N ASN A 435 22.02 -8.04 27.42
CA ASN A 435 22.07 -6.85 26.56
C ASN A 435 21.37 -7.09 25.23
N VAL A 436 20.48 -6.17 24.88
CA VAL A 436 19.80 -6.20 23.60
C VAL A 436 20.07 -4.91 22.82
N ALA A 437 20.44 -5.08 21.55
CA ALA A 437 20.71 -3.97 20.67
C ALA A 437 20.02 -4.15 19.33
N PHE A 438 19.59 -3.04 18.72
CA PHE A 438 18.93 -3.08 17.43
C PHE A 438 18.93 -1.72 16.74
N SER A 439 18.95 -1.74 15.41
CA SER A 439 18.68 -0.53 14.65
C SER A 439 17.20 -0.49 14.25
N CYS A 440 16.67 0.72 14.13
CA CYS A 440 15.26 0.94 13.82
C CYS A 440 15.03 1.12 12.31
N VAL A 441 14.16 0.28 11.75
CA VAL A 441 13.87 0.26 10.31
C VAL A 441 12.61 1.09 9.99
N SER A 442 11.50 0.77 10.62
CA SER A 442 10.38 1.70 10.66
C SER A 442 10.58 2.60 11.90
N ALA A 443 9.77 3.64 12.07
CA ALA A 443 9.93 4.58 13.17
C ALA A 443 11.35 5.24 13.21
N SER A 444 11.93 5.38 14.40
CA SER A 444 13.26 5.98 14.57
C SER A 444 13.69 5.65 15.99
N CYS A 445 14.98 5.79 16.25
CA CYS A 445 15.52 5.60 17.61
C CYS A 445 14.84 6.49 18.65
N ARG A 446 14.54 7.75 18.29
CA ARG A 446 13.82 8.67 19.18
C ARG A 446 12.42 8.15 19.53
N ILE A 447 11.73 7.62 18.51
CA ILE A 447 10.37 7.06 18.70
C ILE A 447 10.40 5.89 19.68
N VAL A 448 11.27 4.91 19.42
CA VAL A 448 11.37 3.71 20.26
C VAL A 448 11.82 4.07 21.69
N HIS A 449 12.84 4.92 21.79
CA HIS A 449 13.36 5.37 23.09
C HIS A 449 12.27 6.04 23.92
N GLU A 450 11.56 6.99 23.30
CA GLU A 450 10.46 7.67 23.99
C GLU A 450 9.35 6.69 24.40
N TYR A 451 9.03 5.75 23.53
CA TYR A 451 7.90 4.82 23.80
C TYR A 451 8.20 3.98 25.05
N ILE A 452 9.43 3.49 25.13
CA ILE A 452 9.91 2.67 26.22
C ILE A 452 9.94 3.45 27.54
N GLY A 453 10.65 4.57 27.56
CA GLY A 453 10.73 5.45 28.73
C GLY A 453 9.38 6.00 29.15
N GLY A 454 8.51 6.25 28.17
CA GLY A 454 7.14 6.68 28.40
C GLY A 454 6.35 5.69 29.24
N TYR A 455 6.41 4.41 28.86
CA TYR A 455 5.78 3.35 29.65
C TYR A 455 6.33 3.26 31.07
N ILE A 456 7.65 3.28 31.21
CA ILE A 456 8.29 3.29 32.53
C ILE A 456 7.84 4.48 33.35
N PHE A 457 7.82 5.66 32.73
CA PHE A 457 7.31 6.86 33.39
C PHE A 457 5.87 6.71 33.87
N LEU A 458 5.01 6.10 33.05
CA LEU A 458 3.60 5.93 33.42
C LEU A 458 3.41 4.94 34.57
N SER A 459 4.27 3.92 34.63
CA SER A 459 4.24 2.92 35.71
C SER A 459 4.62 3.51 37.10
N THR A 460 5.05 4.77 37.10
CA THR A 460 5.43 5.53 38.28
C THR A 460 4.21 6.16 38.97
N ARG A 461 3.16 6.32 38.21
CA ARG A 461 1.98 7.01 38.59
C ARG A 461 1.24 6.70 39.86
N GLU A 462 1.30 5.48 40.36
CA GLU A 462 0.57 5.17 41.57
C GLU A 462 1.03 6.14 42.66
N ARG A 463 2.28 6.53 42.63
CA ARG A 463 2.84 7.53 43.54
C ARG A 463 3.23 6.82 44.79
N GLU A 468 1.04 15.62 41.31
CA GLU A 468 1.22 16.28 40.02
C GLU A 468 2.25 15.61 39.12
N LEU A 469 2.12 15.86 37.81
CA LEU A 469 2.92 15.22 36.76
C LEU A 469 4.40 15.64 36.83
N ASP A 470 5.24 14.68 37.24
CA ASP A 470 6.69 14.86 37.37
C ASP A 470 7.40 14.96 36.00
N GLU A 471 7.30 16.14 35.38
CA GLU A 471 7.82 16.40 34.03
C GLU A 471 9.30 16.07 33.87
N ASP A 472 10.11 16.41 34.88
CA ASP A 472 11.55 16.17 34.86
C ASP A 472 11.91 14.69 34.71
N LEU A 473 11.22 13.84 35.47
CA LEU A 473 11.38 12.39 35.37
C LEU A 473 11.04 11.90 33.96
N PHE A 474 9.88 12.34 33.44
CA PHE A 474 9.43 12.03 32.08
C PHE A 474 10.49 12.37 31.02
N LEU A 475 11.12 13.54 31.16
CA LEU A 475 12.11 13.99 30.18
C LEU A 475 13.44 13.24 30.25
N GLN A 476 13.86 12.86 31.45
CA GLN A 476 15.07 12.04 31.60
C GLN A 476 14.80 10.61 31.09
N LEU A 477 13.64 10.06 31.41
CA LEU A 477 13.30 8.68 31.02
C LEU A 477 13.13 8.52 29.51
N THR A 478 12.64 9.56 28.84
CA THR A 478 12.41 9.53 27.38
C THR A 478 13.56 10.11 26.57
N GLY A 479 14.64 10.49 27.25
CA GLY A 479 15.86 11.00 26.60
C GLY A 479 15.72 12.36 25.93
N GLY A 480 14.89 13.23 26.53
CA GLY A 480 14.76 14.63 26.09
C GLY A 480 15.57 15.59 26.95
N TRP B 16 14.31 7.61 -58.07
CA TRP B 16 14.02 7.18 -56.68
C TRP B 16 12.91 6.11 -56.67
N GLU B 17 13.32 4.85 -56.60
CA GLU B 17 12.39 3.72 -56.51
C GLU B 17 12.21 3.29 -55.05
N LEU B 18 10.95 3.19 -54.63
CA LEU B 18 10.58 2.63 -53.35
C LEU B 18 9.70 1.41 -53.56
N ARG B 19 10.17 0.26 -53.08
CA ARG B 19 9.43 -0.98 -53.19
C ARG B 19 8.76 -1.30 -51.86
N VAL B 20 7.60 -1.94 -51.95
CA VAL B 20 6.81 -2.37 -50.80
C VAL B 20 6.29 -3.78 -51.08
N PHE B 21 6.53 -4.68 -50.13
CA PHE B 21 6.00 -6.06 -50.18
C PHE B 21 4.50 -6.10 -49.89
N VAL B 22 3.83 -7.02 -50.56
CA VAL B 22 2.39 -6.94 -50.75
C VAL B 22 1.71 -8.33 -50.68
N GLY B 23 2.53 -9.38 -50.63
CA GLY B 23 2.04 -10.73 -50.36
C GLY B 23 1.54 -10.86 -48.93
N GLU B 24 0.58 -11.77 -48.73
CA GLU B 24 -0.01 -12.00 -47.40
C GLU B 24 0.50 -13.30 -46.76
N GLU B 25 -0.12 -14.44 -47.12
CA GLU B 25 0.37 -15.77 -46.77
C GLU B 25 1.75 -15.95 -47.41
N ASP B 26 1.85 -15.53 -48.67
CA ASP B 26 3.11 -15.32 -49.37
C ASP B 26 4.00 -14.40 -48.53
N PRO B 27 5.27 -14.83 -48.24
CA PRO B 27 6.07 -13.99 -47.34
C PRO B 27 6.26 -12.61 -47.96
N GLU B 28 6.82 -12.62 -49.17
CA GLU B 28 7.18 -11.45 -49.94
C GLU B 28 7.25 -11.89 -51.41
N ALA B 29 6.30 -12.76 -51.80
CA ALA B 29 6.22 -13.28 -53.17
C ALA B 29 5.78 -12.20 -54.16
N GLU B 30 4.77 -11.42 -53.77
CA GLU B 30 4.28 -10.29 -54.55
C GLU B 30 4.79 -8.99 -53.93
N SER B 31 5.06 -7.99 -54.78
CA SER B 31 5.45 -6.64 -54.33
C SER B 31 5.02 -5.55 -55.33
N VAL B 32 5.22 -4.28 -54.94
CA VAL B 32 4.93 -3.14 -55.82
C VAL B 32 6.06 -2.10 -55.78
N THR B 33 6.24 -1.40 -56.89
CA THR B 33 7.27 -0.35 -57.01
C THR B 33 6.63 1.01 -57.25
N LEU B 34 7.17 2.05 -56.62
CA LEU B 34 6.66 3.41 -56.74
C LEU B 34 7.80 4.41 -56.83
N ARG B 35 7.65 5.40 -57.70
CA ARG B 35 8.52 6.58 -57.72
C ARG B 35 7.98 7.58 -56.71
N VAL B 36 8.88 8.13 -55.89
CA VAL B 36 8.46 8.98 -54.75
C VAL B 36 9.35 10.21 -54.50
N THR B 37 10.66 10.05 -54.74
CA THR B 37 11.67 11.11 -54.55
C THR B 37 11.80 11.67 -53.12
N GLY B 38 11.22 10.97 -52.15
CA GLY B 38 11.36 11.28 -50.73
C GLY B 38 10.54 12.43 -50.16
N GLU B 39 9.57 12.92 -50.92
CA GLU B 39 8.71 14.03 -50.47
C GLU B 39 7.26 13.63 -50.23
N SER B 40 6.97 12.36 -50.50
CA SER B 40 5.61 11.83 -50.52
C SER B 40 5.03 11.61 -49.13
N HIS B 41 3.75 11.95 -48.98
CA HIS B 41 2.92 11.56 -47.83
C HIS B 41 2.86 10.05 -47.71
N ILE B 42 2.72 9.55 -46.48
CA ILE B 42 2.44 8.12 -46.23
C ILE B 42 1.07 7.73 -46.81
N GLY B 43 0.08 8.60 -46.60
CA GLY B 43 -1.24 8.46 -47.23
C GLY B 43 -1.16 8.33 -48.75
N GLY B 44 -0.26 9.13 -49.34
CA GLY B 44 0.04 9.07 -50.77
C GLY B 44 0.54 7.71 -51.23
N VAL B 45 1.60 7.22 -50.57
CA VAL B 45 2.19 5.91 -50.92
C VAL B 45 1.22 4.76 -50.70
N LEU B 46 0.45 4.84 -49.62
CA LEU B 46 -0.61 3.88 -49.30
C LEU B 46 -1.62 3.78 -50.44
N LEU B 47 -2.05 4.92 -50.96
CA LEU B 47 -3.01 4.95 -52.08
C LEU B 47 -2.41 4.41 -53.37
N LYS B 48 -1.12 4.70 -53.58
CA LYS B 48 -0.37 4.21 -54.75
C LYS B 48 -0.15 2.69 -54.71
N ILE B 49 0.05 2.15 -53.50
CA ILE B 49 0.17 0.69 -53.28
C ILE B 49 -1.16 0.01 -53.65
N VAL B 50 -2.24 0.50 -53.04
CA VAL B 50 -3.59 -0.04 -53.26
C VAL B 50 -3.98 0.00 -54.74
N GLU B 51 -3.66 1.13 -55.39
CA GLU B 51 -3.88 1.32 -56.83
C GLU B 51 -3.26 0.21 -57.66
N GLN B 52 -2.06 -0.23 -57.28
CA GLN B 52 -1.32 -1.24 -58.04
C GLN B 52 -1.67 -2.69 -57.70
N ILE B 53 -2.35 -2.92 -56.58
CA ILE B 53 -2.80 -4.26 -56.19
C ILE B 53 -4.09 -4.62 -56.94
N ASN B 54 -4.09 -5.79 -57.55
CA ASN B 54 -5.16 -6.28 -58.43
C ASN B 54 -6.50 -6.51 -57.73
N ARG B 55 -6.50 -7.34 -56.69
CA ARG B 55 -7.70 -7.63 -55.91
C ARG B 55 -8.26 -6.36 -55.25
N LYS B 56 -9.58 -6.24 -55.22
CA LYS B 56 -10.24 -5.12 -54.57
C LYS B 56 -10.89 -5.60 -53.26
N GLN B 57 -10.50 -4.96 -52.17
CA GLN B 57 -11.00 -5.30 -50.83
C GLN B 57 -11.03 -4.07 -49.92
N ASP B 58 -11.42 -4.29 -48.66
CA ASP B 58 -11.33 -3.29 -47.61
C ASP B 58 -9.85 -3.09 -47.25
N TRP B 59 -9.37 -1.86 -47.46
CA TRP B 59 -7.99 -1.50 -47.14
C TRP B 59 -7.89 -0.69 -45.84
N SER B 60 -9.01 -0.63 -45.12
CA SER B 60 -9.15 0.16 -43.90
C SER B 60 -8.21 -0.28 -42.77
N ASP B 61 -7.92 -1.57 -42.70
CA ASP B 61 -7.07 -2.13 -41.64
C ASP B 61 -5.57 -2.09 -42.00
N HIS B 62 -5.26 -1.92 -43.28
CA HIS B 62 -3.90 -2.09 -43.78
C HIS B 62 -2.98 -0.93 -43.45
N ALA B 63 -1.73 -1.26 -43.15
CA ALA B 63 -0.68 -0.26 -42.92
C ALA B 63 0.68 -0.78 -43.37
N ILE B 64 1.69 0.09 -43.31
CA ILE B 64 3.05 -0.28 -43.71
C ILE B 64 3.92 -0.50 -42.47
N TRP B 65 4.50 -1.70 -42.42
CA TRP B 65 5.47 -2.07 -41.42
C TRP B 65 6.88 -1.87 -41.96
N TRP B 66 7.68 -1.08 -41.24
CA TRP B 66 9.07 -0.83 -41.59
C TRP B 66 9.96 -1.78 -40.77
N GLU B 67 10.48 -2.81 -41.42
CA GLU B 67 11.19 -3.90 -40.76
C GLU B 67 12.41 -3.47 -39.91
N GLN B 68 13.27 -2.64 -40.50
CA GLN B 68 14.55 -2.28 -39.88
C GLN B 68 14.40 -1.34 -38.68
N LYS B 69 13.45 -0.41 -38.77
CA LYS B 69 13.16 0.46 -37.65
C LYS B 69 12.15 -0.14 -36.66
N ARG B 70 11.66 -1.34 -36.99
CA ARG B 70 10.59 -2.03 -36.23
C ARG B 70 9.46 -1.07 -35.83
N GLN B 71 8.77 -0.55 -36.83
CA GLN B 71 7.79 0.50 -36.65
C GLN B 71 6.73 0.44 -37.73
N TRP B 72 5.48 0.65 -37.32
CA TRP B 72 4.37 0.91 -38.22
C TRP B 72 4.42 2.36 -38.66
N LEU B 73 4.14 2.60 -39.95
CA LEU B 73 4.10 3.95 -40.49
C LEU B 73 2.69 4.50 -40.39
N LEU B 74 2.33 4.95 -39.18
CA LEU B 74 0.95 5.36 -38.88
C LEU B 74 0.69 6.87 -38.99
N GLN B 75 1.77 7.65 -39.11
CA GLN B 75 1.67 9.07 -39.38
C GLN B 75 1.39 9.29 -40.87
N THR B 76 0.10 9.34 -41.21
CA THR B 76 -0.40 9.49 -42.58
C THR B 76 0.22 10.70 -43.29
N HIS B 77 0.42 11.79 -42.56
CA HIS B 77 0.78 13.08 -43.15
C HIS B 77 2.26 13.49 -43.00
N TRP B 78 3.07 12.58 -42.48
CA TRP B 78 4.50 12.76 -42.47
C TRP B 78 5.06 12.36 -43.83
N THR B 79 6.16 13.02 -44.19
CA THR B 79 6.90 12.70 -45.39
C THR B 79 7.82 11.51 -45.12
N LEU B 80 8.26 10.86 -46.21
CA LEU B 80 9.30 9.83 -46.15
C LEU B 80 10.63 10.40 -45.65
N ASP B 81 10.78 11.72 -45.77
CA ASP B 81 11.93 12.46 -45.29
C ASP B 81 11.99 12.47 -43.76
N LYS B 82 10.85 12.78 -43.13
CA LYS B 82 10.73 12.85 -41.68
C LYS B 82 10.89 11.46 -41.02
N TYR B 83 10.50 10.41 -41.75
CA TYR B 83 10.70 9.04 -41.27
C TYR B 83 12.14 8.58 -41.49
N GLY B 84 12.78 9.10 -42.54
CA GLY B 84 14.13 8.70 -42.91
C GLY B 84 14.14 7.40 -43.70
N ILE B 85 13.17 7.25 -44.60
CA ILE B 85 13.04 6.05 -45.43
C ILE B 85 13.76 6.25 -46.76
N LEU B 86 14.56 5.26 -47.14
CA LEU B 86 15.29 5.28 -48.41
C LEU B 86 15.00 3.99 -49.18
N ALA B 87 15.68 3.80 -50.32
CA ALA B 87 15.46 2.64 -51.19
C ALA B 87 15.86 1.31 -50.51
N ASP B 88 16.69 1.40 -49.47
CA ASP B 88 17.10 0.23 -48.68
C ASP B 88 16.00 -0.30 -47.75
N ALA B 89 15.09 0.58 -47.30
CA ALA B 89 14.01 0.23 -46.37
C ALA B 89 13.13 -0.94 -46.86
N ARG B 90 13.02 -1.95 -46.01
CA ARG B 90 12.17 -3.10 -46.28
C ARG B 90 10.79 -2.80 -45.68
N LEU B 91 9.81 -2.65 -46.56
CA LEU B 91 8.48 -2.20 -46.18
C LEU B 91 7.45 -3.28 -46.51
N PHE B 92 6.63 -3.63 -45.50
CA PHE B 92 5.63 -4.68 -45.62
C PHE B 92 4.24 -4.10 -45.45
N PHE B 93 3.43 -4.28 -46.48
CA PHE B 93 2.06 -3.78 -46.51
C PHE B 93 1.17 -4.93 -46.12
N GLY B 94 0.44 -4.76 -45.01
CA GLY B 94 -0.43 -5.81 -44.49
C GLY B 94 -1.45 -5.32 -43.46
N PRO B 95 -2.32 -6.24 -43.00
CA PRO B 95 -3.36 -5.91 -42.01
C PRO B 95 -2.78 -5.68 -40.62
N GLN B 96 -3.23 -4.63 -39.94
CA GLN B 96 -2.84 -4.38 -38.55
C GLN B 96 -3.42 -5.45 -37.60
N HIS B 97 -4.69 -5.79 -37.78
CA HIS B 97 -5.32 -6.86 -37.00
C HIS B 97 -5.05 -8.21 -37.62
N ARG B 98 -4.56 -9.14 -36.80
CA ARG B 98 -4.18 -10.49 -37.26
C ARG B 98 -4.60 -11.54 -36.22
N PRO B 99 -4.78 -12.82 -36.65
CA PRO B 99 -5.25 -13.83 -35.70
C PRO B 99 -4.15 -14.29 -34.75
N VAL B 100 -4.58 -14.73 -33.58
CA VAL B 100 -3.73 -15.09 -32.46
C VAL B 100 -4.42 -16.25 -31.72
N ILE B 101 -3.64 -17.13 -31.11
CA ILE B 101 -4.17 -18.14 -30.20
C ILE B 101 -4.00 -17.69 -28.75
N LEU B 102 -5.13 -17.46 -28.10
CA LEU B 102 -5.14 -16.91 -26.75
C LEU B 102 -5.44 -18.00 -25.70
N ARG B 103 -4.41 -18.33 -24.92
CA ARG B 103 -4.53 -19.29 -23.82
C ARG B 103 -5.05 -18.60 -22.56
N LEU B 104 -6.21 -19.06 -22.10
CA LEU B 104 -6.91 -18.47 -20.99
C LEU B 104 -6.40 -19.02 -19.66
N PRO B 105 -6.68 -18.30 -18.53
CA PRO B 105 -6.34 -18.87 -17.22
C PRO B 105 -7.01 -20.22 -16.92
N ASN B 106 -8.20 -20.48 -17.46
CA ASN B 106 -8.86 -21.80 -17.32
C ASN B 106 -8.20 -22.90 -18.17
N ARG B 107 -7.04 -22.55 -18.74
CA ARG B 107 -6.16 -23.45 -19.53
C ARG B 107 -6.73 -23.91 -20.88
N ARG B 108 -7.81 -23.27 -21.33
CA ARG B 108 -8.32 -23.50 -22.68
C ARG B 108 -7.83 -22.41 -23.64
N ALA B 109 -7.77 -22.76 -24.93
CA ALA B 109 -7.23 -21.89 -25.97
C ALA B 109 -8.33 -21.40 -26.91
N LEU B 110 -8.15 -20.20 -27.45
CA LEU B 110 -9.16 -19.50 -28.22
C LEU B 110 -8.52 -18.71 -29.37
N ARG B 111 -9.09 -18.77 -30.57
CA ARG B 111 -8.56 -17.93 -31.67
C ARG B 111 -9.27 -16.58 -31.73
N LEU B 112 -8.49 -15.52 -31.59
CA LEU B 112 -8.99 -14.16 -31.62
C LEU B 112 -8.15 -13.24 -32.51
N ARG B 113 -8.79 -12.18 -32.98
CA ARG B 113 -8.13 -11.25 -33.89
C ARG B 113 -7.68 -10.01 -33.11
N ALA B 114 -6.36 -9.92 -32.91
CA ALA B 114 -5.75 -8.86 -32.11
C ALA B 114 -4.95 -7.88 -32.98
N SER B 115 -4.91 -6.62 -32.54
CA SER B 115 -4.11 -5.60 -33.20
C SER B 115 -2.64 -5.84 -32.97
N PHE B 116 -1.85 -5.78 -34.05
CA PHE B 116 -0.39 -5.89 -33.95
C PHE B 116 0.29 -4.53 -33.97
N SER B 117 -0.50 -3.46 -34.05
CA SER B 117 0.02 -2.10 -34.11
C SER B 117 -0.31 -1.27 -32.88
N GLN B 118 -1.38 -1.62 -32.16
CA GLN B 118 -1.71 -0.92 -30.93
C GLN B 118 -0.69 -1.25 -29.84
N PRO B 119 -0.41 -0.28 -28.95
CA PRO B 119 0.29 -0.61 -27.69
C PRO B 119 -0.40 -1.80 -26.99
N LEU B 120 0.39 -2.73 -26.44
CA LEU B 120 -0.12 -3.99 -25.89
C LEU B 120 -1.32 -3.83 -24.96
N PHE B 121 -1.25 -2.87 -24.02
CA PHE B 121 -2.30 -2.70 -23.03
C PHE B 121 -3.66 -2.38 -23.67
N GLN B 122 -3.64 -1.69 -24.81
CA GLN B 122 -4.88 -1.39 -25.54
C GLN B 122 -5.44 -2.63 -26.23
N ALA B 123 -4.53 -3.48 -26.72
CA ALA B 123 -4.89 -4.78 -27.32
C ALA B 123 -5.46 -5.72 -26.27
N VAL B 124 -4.87 -5.71 -25.07
CA VAL B 124 -5.38 -6.48 -23.94
C VAL B 124 -6.80 -6.00 -23.59
N ALA B 125 -6.97 -4.69 -23.51
CA ALA B 125 -8.28 -4.07 -23.25
C ALA B 125 -9.35 -4.43 -24.29
N ALA B 126 -8.94 -4.48 -25.56
CA ALA B 126 -9.83 -4.87 -26.65
C ALA B 126 -10.27 -6.32 -26.52
N ILE B 127 -9.31 -7.20 -26.23
CA ILE B 127 -9.55 -8.62 -25.96
C ILE B 127 -10.47 -8.82 -24.75
N CYS B 128 -10.18 -8.11 -23.66
CA CYS B 128 -10.99 -8.21 -22.44
C CYS B 128 -12.42 -7.70 -22.60
N ARG B 129 -12.59 -6.67 -23.45
CA ARG B 129 -13.93 -6.16 -23.81
CA ARG B 129 -13.91 -6.15 -23.80
C ARG B 129 -14.73 -7.26 -24.48
N LEU B 130 -14.14 -7.95 -25.45
CA LEU B 130 -14.81 -9.06 -26.12
C LEU B 130 -15.13 -10.23 -25.17
N LEU B 131 -14.21 -10.56 -24.28
CA LEU B 131 -14.40 -11.66 -23.33
C LEU B 131 -15.27 -11.30 -22.12
N SER B 132 -15.60 -10.01 -21.98
CA SER B 132 -16.38 -9.48 -20.86
C SER B 132 -15.65 -9.51 -19.51
N ILE B 133 -14.34 -9.22 -19.55
CA ILE B 133 -13.53 -9.09 -18.34
C ILE B 133 -13.34 -7.60 -18.01
N ARG B 134 -14.00 -7.14 -16.94
CA ARG B 134 -13.77 -5.79 -16.39
C ARG B 134 -12.32 -5.62 -15.93
N HIS B 135 -11.87 -4.36 -15.91
CA HIS B 135 -10.53 -3.98 -15.45
C HIS B 135 -9.37 -4.69 -16.18
N PRO B 136 -9.24 -4.47 -17.51
CA PRO B 136 -8.18 -5.16 -18.25
C PRO B 136 -6.75 -4.81 -17.80
N GLU B 137 -6.62 -3.66 -17.13
CA GLU B 137 -5.33 -3.19 -16.63
C GLU B 137 -4.68 -4.14 -15.58
N GLU B 138 -5.46 -5.05 -15.03
CA GLU B 138 -4.96 -6.06 -14.09
C GLU B 138 -4.35 -7.28 -14.81
N LEU B 139 -4.61 -7.38 -16.12
CA LEU B 139 -4.17 -8.51 -16.94
C LEU B 139 -3.16 -8.05 -17.98
N SER B 140 -2.40 -9.00 -18.51
CA SER B 140 -1.49 -8.77 -19.62
C SER B 140 -1.23 -10.08 -20.36
N LEU B 141 -0.28 -10.06 -21.28
CA LEU B 141 0.04 -11.24 -22.07
C LEU B 141 1.45 -11.75 -21.82
N LEU B 142 1.55 -13.08 -21.72
CA LEU B 142 2.85 -13.75 -21.72
C LEU B 142 3.10 -14.30 -23.10
N ARG B 143 4.35 -14.21 -23.54
CA ARG B 143 4.76 -14.87 -24.75
C ARG B 143 4.98 -16.37 -24.47
N ALA B 144 5.18 -17.14 -25.53
CA ALA B 144 5.51 -18.56 -25.42
C ALA B 144 6.81 -18.81 -24.65
N PRO B 145 6.85 -19.88 -23.84
CA PRO B 145 8.15 -20.31 -23.30
C PRO B 145 8.99 -21.03 -24.37
N GLU B 146 10.27 -21.19 -24.09
CA GLU B 146 11.18 -21.94 -24.96
C GLU B 146 11.30 -23.42 -24.53
N LYS B 147 12.28 -24.13 -25.11
CA LYS B 147 12.59 -25.55 -24.84
C LYS B 147 11.42 -26.49 -25.12
N GLU B 160 -8.98 -29.23 -28.64
CA GLU B 160 -7.87 -28.44 -28.10
C GLU B 160 -8.02 -26.95 -28.40
N LEU B 161 -8.45 -26.62 -29.61
CA LEU B 161 -8.77 -25.24 -29.99
C LEU B 161 -10.28 -25.00 -29.97
N TYR B 162 -10.68 -23.99 -29.21
CA TYR B 162 -12.10 -23.68 -28.97
C TYR B 162 -12.57 -22.48 -29.77
N ASP B 163 -13.87 -22.24 -29.71
CA ASP B 163 -14.50 -21.06 -30.30
C ASP B 163 -15.19 -20.25 -29.21
N LEU B 164 -15.31 -18.95 -29.47
CA LEU B 164 -15.86 -17.98 -28.51
C LEU B 164 -17.31 -18.28 -28.14
N SER B 165 -17.50 -18.63 -26.88
CA SER B 165 -18.81 -18.88 -26.30
C SER B 165 -18.82 -18.34 -24.89
N TYR B 166 -20.01 -18.17 -24.32
CA TYR B 166 -20.14 -17.76 -22.93
C TYR B 166 -19.73 -18.89 -21.98
N HIS B 167 -20.28 -20.09 -22.21
CA HIS B 167 -20.07 -21.25 -21.32
C HIS B 167 -18.60 -21.58 -21.07
N MET B 168 -17.78 -21.51 -22.13
CA MET B 168 -16.34 -21.79 -22.05
C MET B 168 -15.58 -20.71 -21.25
N LEU B 169 -16.15 -19.52 -21.16
CA LEU B 169 -15.56 -18.42 -20.40
C LEU B 169 -16.02 -18.36 -18.94
N SER B 170 -17.27 -18.74 -18.69
CA SER B 170 -17.88 -18.55 -17.36
C SER B 170 -18.02 -19.82 -16.53
N ARG B 171 -18.15 -20.97 -17.18
CA ARG B 171 -18.26 -22.23 -16.42
C ARG B 171 -16.89 -22.80 -16.12
N PRO B 172 -16.65 -23.17 -14.84
CA PRO B 172 -15.37 -23.76 -14.44
C PRO B 172 -15.11 -25.07 -15.16
N GLN B 173 -13.86 -25.30 -15.50
CA GLN B 173 -13.42 -26.52 -16.17
C GLN B 173 -13.50 -27.69 -15.18
N PRO B 174 -13.83 -28.91 -15.67
CA PRO B 174 -13.85 -30.10 -14.81
C PRO B 174 -12.48 -30.34 -14.18
N PRO B 175 -12.43 -30.99 -12.98
CA PRO B 175 -11.15 -31.27 -12.34
C PRO B 175 -10.21 -32.02 -13.28
N PRO B 176 -8.90 -31.76 -13.20
CA PRO B 176 -7.98 -32.41 -14.12
C PRO B 176 -7.77 -33.89 -13.77
N ASP B 177 -7.29 -34.64 -14.75
CA ASP B 177 -6.87 -36.03 -14.59
C ASP B 177 -5.72 -36.07 -13.57
N PRO B 178 -5.87 -36.86 -12.47
CA PRO B 178 -4.78 -37.00 -11.50
C PRO B 178 -3.45 -37.45 -12.15
N LEU B 179 -3.57 -38.23 -13.22
CA LEU B 179 -2.43 -38.62 -14.07
C LEU B 179 -1.79 -37.40 -14.76
N LEU B 180 -2.63 -36.45 -15.15
CA LEU B 180 -2.20 -35.28 -15.95
C LEU B 180 -1.47 -34.20 -15.14
N LEU B 181 -1.65 -34.20 -13.81
CA LEU B 181 -0.96 -33.27 -12.91
C LEU B 181 0.55 -33.54 -12.78
N GLN B 182 0.95 -34.79 -13.03
CA GLN B 182 2.36 -35.20 -12.93
C GLN B 182 3.24 -34.66 -14.05
N ARG B 183 2.95 -35.05 -15.30
CA ARG B 183 3.77 -34.67 -16.45
C ARG B 183 3.68 -33.17 -16.82
N LEU B 184 2.91 -32.41 -16.01
CA LEU B 184 2.90 -30.95 -16.04
C LEU B 184 3.99 -30.40 -15.10
N PRO B 185 4.74 -29.36 -15.56
CA PRO B 185 5.82 -28.76 -14.77
C PRO B 185 5.36 -28.20 -13.42
N ARG B 186 6.31 -28.13 -12.49
CA ARG B 186 6.02 -27.80 -11.10
C ARG B 186 7.29 -27.19 -10.48
N PRO B 187 7.14 -26.03 -9.79
CA PRO B 187 8.30 -25.39 -9.16
C PRO B 187 8.86 -26.20 -7.98
N SER B 188 10.15 -26.54 -8.09
CA SER B 188 10.86 -27.27 -7.04
C SER B 188 11.56 -26.30 -6.08
N SER B 189 11.70 -25.05 -6.52
CA SER B 189 12.40 -24.02 -5.76
C SER B 189 11.87 -22.62 -6.05
N LEU B 190 12.34 -21.66 -5.26
CA LEU B 190 12.07 -20.24 -5.47
C LEU B 190 12.55 -19.76 -6.84
N SER B 191 13.72 -20.25 -7.25
CA SER B 191 14.34 -19.98 -8.54
C SER B 191 13.46 -20.41 -9.71
N ASP B 192 12.82 -21.58 -9.59
CA ASP B 192 11.86 -22.07 -10.58
C ASP B 192 10.66 -21.14 -10.75
N LYS B 193 10.30 -20.42 -9.69
CA LYS B 193 9.15 -19.52 -9.72
C LYS B 193 9.42 -18.19 -10.43
N THR B 194 10.68 -17.93 -10.80
CA THR B 194 11.04 -16.68 -11.49
C THR B 194 10.85 -16.78 -13.00
N GLN B 195 10.76 -18.00 -13.52
CA GLN B 195 10.75 -18.23 -14.97
C GLN B 195 9.60 -17.59 -15.72
N LEU B 196 8.39 -17.68 -15.17
CA LEU B 196 7.17 -17.13 -15.77
C LEU B 196 7.26 -15.62 -16.00
N HIS B 197 7.87 -14.90 -15.08
CA HIS B 197 7.93 -13.44 -15.17
C HIS B 197 8.93 -12.91 -16.20
N SER B 198 9.76 -13.81 -16.73
CA SER B 198 10.61 -13.49 -17.89
C SER B 198 9.79 -13.33 -19.17
N ARG B 199 8.54 -13.82 -19.14
CA ARG B 199 7.72 -13.98 -20.32
C ARG B 199 6.71 -12.87 -20.58
N TRP B 200 6.56 -11.92 -19.65
CA TRP B 200 5.59 -10.84 -19.84
C TRP B 200 6.04 -10.01 -21.03
N LEU B 201 5.08 -9.60 -21.84
CA LEU B 201 5.34 -8.66 -22.92
C LEU B 201 5.38 -7.22 -22.39
N ASP B 202 5.84 -6.29 -23.21
CA ASP B 202 5.93 -4.88 -22.85
C ASP B 202 4.59 -4.21 -23.19
N SER B 203 3.95 -3.62 -22.18
CA SER B 203 2.63 -3.00 -22.34
C SER B 203 2.61 -1.77 -23.26
N SER B 204 3.76 -1.14 -23.43
CA SER B 204 3.83 0.11 -24.19
C SER B 204 4.21 -0.11 -25.65
N ARG B 205 4.64 -1.32 -25.99
CA ARG B 205 4.99 -1.67 -27.37
C ARG B 205 3.92 -2.57 -27.99
N CYS B 206 3.83 -2.53 -29.32
CA CYS B 206 2.88 -3.35 -30.05
C CYS B 206 3.41 -4.75 -30.22
N LEU B 207 2.56 -5.68 -30.65
CA LEU B 207 2.94 -7.09 -30.80
C LEU B 207 4.02 -7.32 -31.86
N MET B 208 3.91 -6.60 -32.98
CA MET B 208 4.84 -6.71 -34.11
C MET B 208 6.26 -6.31 -33.70
N GLN B 209 6.38 -5.26 -32.89
CA GLN B 209 7.65 -4.77 -32.33
C GLN B 209 8.36 -5.79 -31.44
N GLN B 210 7.59 -6.73 -30.88
CA GLN B 210 8.10 -7.68 -29.89
C GLN B 210 8.27 -9.09 -30.45
N GLY B 211 8.20 -9.20 -31.78
CA GLY B 211 8.46 -10.46 -32.49
C GLY B 211 7.33 -11.48 -32.40
N ILE B 212 6.11 -11.00 -32.19
CA ILE B 212 4.93 -11.85 -32.23
C ILE B 212 4.42 -11.84 -33.66
N LYS B 213 4.02 -13.01 -34.14
CA LYS B 213 3.54 -13.21 -35.51
C LYS B 213 2.11 -13.74 -35.47
N ALA B 214 1.36 -13.52 -36.56
CA ALA B 214 0.03 -14.09 -36.73
C ALA B 214 0.04 -15.59 -36.43
N GLY B 215 -0.97 -16.04 -35.68
CA GLY B 215 -1.06 -17.45 -35.29
C GLY B 215 -0.22 -17.89 -34.10
N ASP B 216 0.49 -16.95 -33.47
CA ASP B 216 1.30 -17.27 -32.28
C ASP B 216 0.41 -17.46 -31.06
N ALA B 217 0.88 -18.32 -30.15
CA ALA B 217 0.18 -18.52 -28.89
C ALA B 217 0.59 -17.45 -27.88
N LEU B 218 -0.41 -16.83 -27.26
CA LEU B 218 -0.22 -15.84 -26.21
C LEU B 218 -1.09 -16.20 -25.00
N TRP B 219 -0.60 -15.90 -23.81
CA TRP B 219 -1.29 -16.27 -22.59
C TRP B 219 -1.91 -15.06 -21.95
N LEU B 220 -3.23 -15.06 -21.83
CA LEU B 220 -3.91 -14.04 -21.04
C LEU B 220 -3.86 -14.44 -19.58
N ARG B 221 -3.36 -13.52 -18.76
CA ARG B 221 -3.10 -13.82 -17.37
C ARG B 221 -3.27 -12.58 -16.51
N PHE B 222 -3.85 -12.77 -15.31
CA PHE B 222 -3.87 -11.75 -14.28
C PHE B 222 -2.45 -11.55 -13.80
N LYS B 223 -2.01 -10.30 -13.88
CA LYS B 223 -0.61 -9.94 -13.70
C LYS B 223 -0.41 -9.25 -12.35
N TYR B 224 -1.39 -8.41 -11.99
CA TYR B 224 -1.34 -7.60 -10.79
C TYR B 224 -2.35 -8.11 -9.78
N TYR B 225 -1.87 -8.41 -8.59
CA TYR B 225 -2.71 -8.98 -7.53
C TYR B 225 -3.38 -7.88 -6.72
N SER B 226 -4.03 -6.98 -7.44
CA SER B 226 -4.83 -5.93 -6.85
C SER B 226 -6.12 -5.82 -7.69
N PHE B 227 -7.19 -6.41 -7.18
CA PHE B 227 -8.42 -6.59 -7.97
C PHE B 227 -9.52 -5.63 -7.54
N PHE B 228 -9.79 -4.65 -8.40
CA PHE B 228 -10.71 -3.57 -8.11
C PHE B 228 -12.17 -4.00 -8.23
N ASP B 229 -12.96 -3.68 -7.19
CA ASP B 229 -14.41 -4.00 -7.14
C ASP B 229 -14.71 -5.43 -7.60
N LEU B 230 -14.01 -6.38 -7.00
CA LEU B 230 -14.26 -7.79 -7.23
C LEU B 230 -15.45 -8.21 -6.38
N ASP B 231 -16.61 -8.39 -7.04
CA ASP B 231 -17.81 -8.87 -6.35
C ASP B 231 -18.56 -9.92 -7.20
N PRO B 232 -19.25 -10.87 -6.53
CA PRO B 232 -19.68 -12.12 -7.18
C PRO B 232 -20.72 -12.01 -8.30
N LYS B 233 -21.61 -11.02 -8.23
CA LYS B 233 -22.72 -10.91 -9.19
C LYS B 233 -22.39 -10.17 -10.49
N THR B 234 -21.45 -9.23 -10.41
CA THR B 234 -21.13 -8.33 -11.52
C THR B 234 -20.30 -8.98 -12.64
N ASP B 235 -19.32 -9.81 -12.26
CA ASP B 235 -18.26 -10.23 -13.18
C ASP B 235 -18.09 -11.74 -13.33
N PRO B 236 -19.09 -12.45 -13.91
CA PRO B 236 -18.97 -13.93 -13.94
C PRO B 236 -17.75 -14.47 -14.69
N VAL B 237 -17.41 -13.89 -15.84
CA VAL B 237 -16.26 -14.36 -16.62
C VAL B 237 -14.96 -14.03 -15.91
N ARG B 238 -14.86 -12.79 -15.42
CA ARG B 238 -13.73 -12.33 -14.63
C ARG B 238 -13.49 -13.19 -13.39
N LEU B 239 -14.59 -13.50 -12.68
CA LEU B 239 -14.54 -14.31 -11.47
C LEU B 239 -14.04 -15.71 -11.76
N THR B 240 -14.59 -16.34 -12.80
CA THR B 240 -14.24 -17.70 -13.17
C THR B 240 -12.76 -17.79 -13.55
N GLN B 241 -12.32 -16.85 -14.39
CA GLN B 241 -10.95 -16.84 -14.89
C GLN B 241 -9.94 -16.62 -13.76
N LEU B 242 -10.24 -15.69 -12.85
CA LEU B 242 -9.40 -15.46 -11.67
C LEU B 242 -9.35 -16.68 -10.76
N TYR B 243 -10.52 -17.27 -10.52
CA TYR B 243 -10.63 -18.48 -9.74
C TYR B 243 -9.76 -19.58 -10.35
N GLU B 244 -9.85 -19.75 -11.68
CA GLU B 244 -9.05 -20.73 -12.41
C GLU B 244 -7.56 -20.48 -12.28
N GLN B 245 -7.13 -19.23 -12.37
CA GLN B 245 -5.72 -18.90 -12.17
C GLN B 245 -5.23 -19.27 -10.76
N ALA B 246 -6.02 -18.92 -9.74
CA ALA B 246 -5.71 -19.26 -8.36
C ALA B 246 -5.69 -20.77 -8.13
N ARG B 247 -6.70 -21.46 -8.68
CA ARG B 247 -6.85 -22.91 -8.62
C ARG B 247 -5.62 -23.64 -9.16
N TRP B 248 -5.17 -23.25 -10.36
CA TRP B 248 -3.99 -23.86 -10.97
C TRP B 248 -2.67 -23.55 -10.29
N ASP B 249 -2.55 -22.34 -9.71
CA ASP B 249 -1.42 -22.02 -8.88
C ASP B 249 -1.30 -22.98 -7.69
N LEU B 250 -2.42 -23.29 -7.05
CA LEU B 250 -2.46 -24.23 -5.94
C LEU B 250 -2.19 -25.67 -6.37
N LEU B 251 -2.81 -26.10 -7.48
CA LEU B 251 -2.62 -27.45 -7.99
C LEU B 251 -1.19 -27.73 -8.48
N LEU B 252 -0.60 -26.74 -9.15
CA LEU B 252 0.76 -26.88 -9.67
C LEU B 252 1.84 -26.34 -8.72
N GLU B 253 1.47 -26.18 -7.45
CA GLU B 253 2.39 -25.80 -6.36
C GLU B 253 3.21 -24.50 -6.56
N GLU B 254 2.59 -23.52 -7.23
CA GLU B 254 3.12 -22.16 -7.33
C GLU B 254 3.06 -21.41 -6.00
N ILE B 255 2.15 -21.83 -5.13
CA ILE B 255 1.97 -21.22 -3.82
C ILE B 255 1.65 -22.28 -2.77
N ASP B 256 2.09 -22.01 -1.54
CA ASP B 256 1.94 -22.93 -0.42
C ASP B 256 0.73 -22.62 0.44
N CYS B 257 0.12 -23.68 0.95
CA CYS B 257 -0.87 -23.59 2.02
C CYS B 257 -0.68 -24.76 2.97
N THR B 258 -1.14 -24.57 4.20
CA THR B 258 -1.22 -25.64 5.21
C THR B 258 -2.20 -26.72 4.74
N GLU B 259 -1.98 -27.94 5.21
CA GLU B 259 -2.89 -29.08 5.01
C GLU B 259 -4.35 -28.70 5.33
N GLU B 260 -4.52 -27.92 6.39
CA GLU B 260 -5.83 -27.42 6.83
C GLU B 260 -6.51 -26.55 5.77
N GLU B 261 -5.78 -25.54 5.25
CA GLU B 261 -6.26 -24.69 4.15
C GLU B 261 -6.45 -25.47 2.85
N MET B 262 -5.61 -26.48 2.63
CA MET B 262 -5.72 -27.35 1.46
C MET B 262 -7.03 -28.13 1.41
N MET B 263 -7.56 -28.47 2.59
CA MET B 263 -8.87 -29.11 2.70
C MET B 263 -9.99 -28.16 2.30
N VAL B 264 -9.95 -26.93 2.82
CA VAL B 264 -10.92 -25.88 2.47
C VAL B 264 -10.92 -25.61 0.95
N PHE B 265 -9.73 -25.54 0.35
CA PHE B 265 -9.58 -25.36 -1.11
C PHE B 265 -10.17 -26.52 -1.90
N ALA B 266 -9.90 -27.75 -1.46
CA ALA B 266 -10.42 -28.96 -2.11
C ALA B 266 -11.94 -29.03 -2.03
N ALA B 267 -12.48 -28.67 -0.87
CA ALA B 267 -13.93 -28.66 -0.63
C ALA B 267 -14.65 -27.60 -1.44
N LEU B 268 -14.01 -26.44 -1.59
CA LEU B 268 -14.52 -25.36 -2.44
C LEU B 268 -14.58 -25.78 -3.91
N GLN B 269 -13.50 -26.41 -4.40
CA GLN B 269 -13.41 -26.92 -5.78
C GLN B 269 -14.48 -27.98 -6.05
N TYR B 270 -14.62 -28.91 -5.10
CA TYR B 270 -15.66 -29.93 -5.14
C TYR B 270 -17.06 -29.29 -5.25
N HIS B 271 -17.36 -28.36 -4.34
CA HIS B 271 -18.63 -27.64 -4.33
C HIS B 271 -18.89 -26.91 -5.66
N ILE B 272 -17.84 -26.30 -6.20
CA ILE B 272 -17.88 -25.60 -7.49
C ILE B 272 -18.19 -26.55 -8.65
N ASN B 273 -17.53 -27.71 -8.66
CA ASN B 273 -17.75 -28.71 -9.70
C ASN B 273 -19.14 -29.36 -9.62
N LYS B 274 -19.56 -29.68 -8.40
CA LYS B 274 -20.89 -30.25 -8.12
C LYS B 274 -22.03 -29.35 -8.61
N LEU B 275 -21.97 -28.06 -8.28
CA LEU B 275 -22.92 -27.07 -8.77
C LEU B 275 -22.83 -26.78 -10.28
N SER B 276 -21.64 -26.98 -10.85
CA SER B 276 -21.43 -26.74 -12.28
C SER B 276 -22.02 -27.85 -13.16
N GLN B 277 -22.14 -29.05 -12.61
CA GLN B 277 -22.81 -30.15 -13.30
C GLN B 277 -24.34 -30.15 -13.15
N SER B 278 -24.85 -29.28 -12.29
CA SER B 278 -26.28 -29.08 -12.11
C SER B 278 -26.69 -27.70 -12.66
N GLY B 279 -26.45 -26.65 -11.87
CA GLY B 279 -26.81 -25.27 -12.20
C GLY B 279 -26.78 -24.36 -11.00
N ASN B 319 -9.60 -39.14 -8.30
CA ASN B 319 -10.84 -38.37 -8.21
C ASN B 319 -10.81 -37.30 -7.09
N PRO B 320 -10.64 -37.70 -5.78
CA PRO B 320 -10.36 -36.64 -4.80
C PRO B 320 -8.88 -36.21 -4.83
N TYR B 321 -8.11 -36.90 -5.67
CA TYR B 321 -6.71 -36.58 -5.99
C TYR B 321 -6.60 -35.46 -7.02
N GLY B 322 -7.68 -35.22 -7.76
CA GLY B 322 -7.74 -34.12 -8.73
C GLY B 322 -8.14 -32.79 -8.12
N LEU B 323 -8.29 -32.76 -6.79
CA LEU B 323 -8.67 -31.55 -6.05
C LEU B 323 -7.55 -31.02 -5.15
N VAL B 324 -6.45 -31.76 -5.09
CA VAL B 324 -5.29 -31.39 -4.29
C VAL B 324 -3.98 -31.52 -5.08
N ALA B 325 -2.96 -30.80 -4.63
CA ALA B 325 -1.63 -30.78 -5.26
C ALA B 325 -0.95 -32.15 -5.16
N PRO B 326 -0.09 -32.51 -6.15
CA PRO B 326 0.67 -33.77 -6.11
C PRO B 326 1.47 -34.04 -4.83
N ARG B 327 1.85 -33.00 -4.09
CA ARG B 327 2.62 -33.17 -2.84
C ARG B 327 1.83 -33.82 -1.70
N PHE B 328 0.50 -33.76 -1.77
CA PHE B 328 -0.37 -34.30 -0.72
C PHE B 328 -0.67 -35.80 -0.88
N GLN B 329 0.38 -36.57 -1.24
CA GLN B 329 0.32 -38.02 -1.41
C GLN B 329 1.58 -38.67 -0.87
N LYS B 333 -3.53 -42.31 -0.14
CA LYS B 333 -4.20 -41.19 0.52
C LYS B 333 -5.69 -41.07 0.13
N ALA B 334 -6.07 -41.73 -0.96
CA ALA B 334 -7.41 -41.62 -1.58
C ALA B 334 -8.59 -41.81 -0.60
N LYS B 335 -8.51 -42.86 0.21
CA LYS B 335 -9.54 -43.18 1.20
C LYS B 335 -9.46 -42.32 2.47
N GLN B 336 -8.33 -41.61 2.64
CA GLN B 336 -8.07 -40.76 3.81
C GLN B 336 -8.56 -39.31 3.64
N LEU B 337 -8.38 -38.77 2.44
CA LEU B 337 -8.67 -37.37 2.13
C LEU B 337 -10.16 -37.03 2.17
N THR B 338 -10.97 -37.86 1.49
CA THR B 338 -12.40 -37.67 1.27
C THR B 338 -13.25 -37.38 2.55
N PRO B 339 -12.98 -38.08 3.69
CA PRO B 339 -13.70 -37.70 4.93
C PRO B 339 -13.47 -36.27 5.40
N ARG B 340 -12.20 -35.83 5.45
CA ARG B 340 -11.84 -34.47 5.89
C ARG B 340 -12.23 -33.38 4.87
N ILE B 341 -12.27 -33.74 3.59
CA ILE B 341 -12.76 -32.85 2.53
C ILE B 341 -14.26 -32.56 2.70
N LEU B 342 -15.05 -33.60 2.95
CA LEU B 342 -16.50 -33.46 3.19
C LEU B 342 -16.83 -32.79 4.52
N GLU B 343 -15.96 -32.98 5.52
CA GLU B 343 -15.98 -32.20 6.77
C GLU B 343 -15.89 -30.71 6.49
N ALA B 344 -14.91 -30.33 5.65
CA ALA B 344 -14.72 -28.94 5.23
C ALA B 344 -15.85 -28.45 4.34
N HIS B 345 -16.40 -29.35 3.50
CA HIS B 345 -17.51 -29.04 2.59
C HIS B 345 -18.80 -28.60 3.29
N GLN B 346 -19.02 -29.15 4.49
CA GLN B 346 -20.19 -28.81 5.31
C GLN B 346 -20.32 -27.32 5.60
N ASN B 347 -19.19 -26.65 5.84
CA ASN B 347 -19.16 -25.22 6.13
C ASN B 347 -19.39 -24.33 4.91
N VAL B 348 -19.33 -24.93 3.72
CA VAL B 348 -19.45 -24.18 2.45
C VAL B 348 -20.55 -24.73 1.53
N ALA B 349 -21.37 -25.64 2.07
CA ALA B 349 -22.46 -26.28 1.32
C ALA B 349 -23.60 -25.35 0.93
N GLN B 350 -23.75 -24.23 1.65
CA GLN B 350 -24.83 -23.26 1.41
C GLN B 350 -24.51 -22.22 0.34
N LEU B 351 -23.25 -22.16 -0.09
CA LEU B 351 -22.77 -21.13 -1.02
C LEU B 351 -23.16 -21.46 -2.46
N SER B 352 -23.51 -20.43 -3.22
CA SER B 352 -23.71 -20.56 -4.65
C SER B 352 -22.36 -20.76 -5.36
N LEU B 353 -22.42 -21.05 -6.66
CA LEU B 353 -21.24 -21.28 -7.47
C LEU B 353 -20.29 -20.07 -7.42
N ALA B 354 -20.82 -18.89 -7.74
CA ALA B 354 -20.07 -17.63 -7.74
C ALA B 354 -19.53 -17.25 -6.37
N GLU B 355 -20.31 -17.53 -5.31
CA GLU B 355 -19.89 -17.29 -3.93
C GLU B 355 -18.72 -18.18 -3.51
N ALA B 356 -18.73 -19.43 -3.98
CA ALA B 356 -17.66 -20.37 -3.66
C ALA B 356 -16.36 -20.00 -4.38
N GLN B 357 -16.48 -19.46 -5.60
CA GLN B 357 -15.33 -18.98 -6.35
C GLN B 357 -14.70 -17.79 -5.63
N LEU B 358 -15.52 -16.84 -5.20
CA LEU B 358 -15.04 -15.65 -4.49
C LEU B 358 -14.40 -16.00 -3.15
N ARG B 359 -15.01 -16.94 -2.43
CA ARG B 359 -14.42 -17.45 -1.18
C ARG B 359 -13.05 -18.10 -1.42
N PHE B 360 -12.95 -18.91 -2.48
CA PHE B 360 -11.69 -19.55 -2.90
C PHE B 360 -10.61 -18.49 -3.15
N ILE B 361 -10.97 -17.43 -3.86
CA ILE B 361 -10.07 -16.32 -4.14
C ILE B 361 -9.64 -15.60 -2.86
N GLN B 362 -10.59 -15.35 -1.94
CA GLN B 362 -10.32 -14.67 -0.67
C GLN B 362 -9.36 -15.43 0.22
N ALA B 363 -9.49 -16.76 0.24
CA ALA B 363 -8.61 -17.63 1.01
C ALA B 363 -7.22 -17.74 0.38
N TRP B 364 -7.19 -17.72 -0.96
CA TRP B 364 -5.96 -17.61 -1.73
C TRP B 364 -5.26 -16.29 -1.41
N GLN B 365 -6.02 -15.19 -1.40
CA GLN B 365 -5.51 -13.86 -1.07
C GLN B 365 -4.88 -13.74 0.33
N SER B 366 -5.32 -14.59 1.24
CA SER B 366 -4.97 -14.50 2.65
C SER B 366 -3.75 -15.35 3.00
N LEU B 367 -3.31 -16.18 2.05
CA LEU B 367 -2.13 -17.03 2.20
C LEU B 367 -0.87 -16.20 2.48
N PRO B 368 0.12 -16.78 3.23
CA PRO B 368 1.39 -16.09 3.51
C PRO B 368 2.13 -15.55 2.27
N ASP B 369 2.29 -16.40 1.25
CA ASP B 369 3.06 -16.03 0.04
C ASP B 369 2.26 -15.31 -1.05
N PHE B 370 0.99 -15.00 -0.79
CA PHE B 370 0.08 -14.51 -1.83
C PHE B 370 0.58 -13.24 -2.52
N GLY B 371 0.36 -13.16 -3.83
CA GLY B 371 0.47 -11.90 -4.54
C GLY B 371 1.88 -11.41 -4.78
N ILE B 372 2.85 -12.33 -4.83
CA ILE B 372 4.24 -11.95 -5.02
C ILE B 372 4.77 -12.53 -6.34
N SER B 373 5.28 -11.66 -7.20
CA SER B 373 5.98 -12.11 -8.38
C SER B 373 7.49 -12.07 -8.09
N TYR B 374 8.15 -13.22 -8.30
CA TYR B 374 9.58 -13.36 -7.99
C TYR B 374 10.47 -13.14 -9.22
N VAL B 375 11.57 -12.44 -9.01
CA VAL B 375 12.57 -12.13 -10.04
C VAL B 375 13.94 -12.39 -9.42
N MET B 376 14.80 -13.07 -10.16
CA MET B 376 16.19 -13.29 -9.72
C MET B 376 16.99 -12.01 -9.99
N VAL B 377 17.67 -11.51 -8.95
CA VAL B 377 18.40 -10.24 -9.03
C VAL B 377 19.78 -10.29 -8.34
N ARG B 378 20.62 -9.32 -8.67
CA ARG B 378 21.84 -9.02 -7.91
C ARG B 378 21.69 -7.65 -7.31
N PHE B 379 21.58 -7.56 -5.98
CA PHE B 379 21.51 -6.27 -5.35
C PHE B 379 22.90 -5.64 -5.31
N LYS B 380 22.93 -4.31 -5.43
CA LYS B 380 24.14 -3.52 -5.24
C LYS B 380 24.73 -3.82 -3.85
N GLY B 381 26.04 -4.12 -3.82
CA GLY B 381 26.76 -4.41 -2.59
C GLY B 381 26.74 -5.87 -2.17
N SER B 382 26.00 -6.70 -2.91
CA SER B 382 25.92 -8.13 -2.63
C SER B 382 26.82 -8.95 -3.55
N ARG B 383 27.37 -10.02 -2.99
CA ARG B 383 28.26 -10.93 -3.72
C ARG B 383 27.58 -12.29 -4.06
N LYS B 384 26.27 -12.37 -3.91
CA LYS B 384 25.48 -13.54 -4.38
C LYS B 384 24.10 -13.11 -4.89
N ASP B 385 23.56 -13.88 -5.84
CA ASP B 385 22.18 -13.70 -6.30
C ASP B 385 21.17 -13.81 -5.16
N GLU B 386 20.15 -12.96 -5.23
CA GLU B 386 19.03 -13.01 -4.31
C GLU B 386 17.72 -12.96 -5.10
N ILE B 387 16.60 -13.06 -4.40
CA ILE B 387 15.27 -12.93 -5.00
C ILE B 387 14.68 -11.57 -4.66
N LEU B 388 14.14 -10.92 -5.68
CA LEU B 388 13.24 -9.80 -5.52
C LEU B 388 11.80 -10.29 -5.64
N GLY B 389 11.02 -10.07 -4.58
CA GLY B 389 9.57 -10.21 -4.63
C GLY B 389 8.90 -8.88 -4.92
N ILE B 390 8.05 -8.86 -5.95
CA ILE B 390 7.25 -7.68 -6.30
C ILE B 390 5.80 -7.96 -5.86
N ALA B 391 5.30 -7.17 -4.92
CA ALA B 391 3.89 -7.30 -4.49
C ALA B 391 3.13 -6.01 -4.81
N ASN B 392 1.83 -5.98 -4.49
CA ASN B 392 0.99 -4.80 -4.77
C ASN B 392 1.32 -3.56 -3.95
N ASN B 393 2.02 -3.74 -2.84
CA ASN B 393 2.34 -2.61 -1.95
C ASN B 393 3.82 -2.48 -1.59
N ARG B 394 4.65 -3.40 -2.06
CA ARG B 394 6.01 -3.51 -1.53
C ARG B 394 6.99 -4.26 -2.42
N LEU B 395 8.28 -4.01 -2.17
CA LEU B 395 9.35 -4.83 -2.71
C LEU B 395 9.97 -5.60 -1.57
N ILE B 396 10.32 -6.86 -1.85
CA ILE B 396 10.79 -7.78 -0.84
C ILE B 396 12.14 -8.35 -1.27
N ARG B 397 13.12 -8.26 -0.37
CA ARG B 397 14.44 -8.86 -0.55
C ARG B 397 14.44 -10.23 0.13
N ILE B 398 14.64 -11.28 -0.65
CA ILE B 398 14.53 -12.64 -0.16
C ILE B 398 15.85 -13.39 -0.35
N ASP B 399 16.26 -14.10 0.70
CA ASP B 399 17.39 -15.01 0.64
C ASP B 399 17.04 -16.18 -0.28
N LEU B 400 17.89 -16.44 -1.27
CA LEU B 400 17.62 -17.45 -2.29
C LEU B 400 17.64 -18.88 -1.75
N ALA B 401 18.50 -19.15 -0.77
CA ALA B 401 18.69 -20.48 -0.21
C ALA B 401 17.53 -20.95 0.68
N VAL B 402 17.07 -20.11 1.60
CA VAL B 402 16.06 -20.50 2.57
C VAL B 402 14.67 -19.91 2.33
N GLY B 403 14.61 -18.81 1.58
CA GLY B 403 13.35 -18.16 1.29
C GLY B 403 12.93 -17.16 2.35
N ASP B 404 13.82 -16.82 3.27
CA ASP B 404 13.54 -15.87 4.33
C ASP B 404 13.47 -14.44 3.78
N VAL B 405 12.50 -13.68 4.28
CA VAL B 405 12.40 -12.26 3.95
C VAL B 405 13.48 -11.52 4.77
N VAL B 406 14.38 -10.85 4.05
CA VAL B 406 15.52 -10.13 4.64
C VAL B 406 15.14 -8.69 4.98
N LYS B 407 14.38 -8.06 4.08
CA LYS B 407 14.05 -6.64 4.15
C LYS B 407 12.86 -6.39 3.23
N THR B 408 12.05 -5.40 3.60
CA THR B 408 10.88 -5.00 2.81
C THR B 408 10.97 -3.48 2.63
N TRP B 409 10.64 -3.01 1.43
CA TRP B 409 10.55 -1.59 1.12
C TRP B 409 9.15 -1.29 0.58
N ARG B 410 8.45 -0.37 1.23
CA ARG B 410 7.05 -0.08 0.89
C ARG B 410 6.93 0.95 -0.23
N PHE B 411 6.00 0.69 -1.15
CA PHE B 411 5.62 1.65 -2.20
C PHE B 411 5.22 3.03 -1.63
N SER B 412 4.57 3.04 -0.48
CA SER B 412 4.20 4.30 0.20
C SER B 412 5.40 5.19 0.55
N ASN B 413 6.60 4.61 0.59
CA ASN B 413 7.83 5.37 0.79
C ASN B 413 8.65 5.58 -0.49
N MET B 414 8.15 5.07 -1.62
CA MET B 414 8.87 5.14 -2.89
C MET B 414 8.72 6.51 -3.55
N ARG B 415 9.86 7.13 -3.86
CA ARG B 415 9.90 8.46 -4.49
C ARG B 415 10.05 8.38 -6.00
N GLN B 416 11.10 7.70 -6.46
CA GLN B 416 11.31 7.47 -7.89
C GLN B 416 11.94 6.11 -8.17
N TRP B 417 11.77 5.66 -9.40
CA TRP B 417 12.31 4.40 -9.88
C TRP B 417 12.72 4.58 -11.33
N ASN B 418 13.97 4.20 -11.60
CA ASN B 418 14.61 4.46 -12.88
C ASN B 418 15.45 3.26 -13.27
N VAL B 419 15.64 3.11 -14.58
CA VAL B 419 16.61 2.18 -15.12
C VAL B 419 17.82 3.00 -15.59
N ASN B 420 19.01 2.63 -15.11
CA ASN B 420 20.28 3.15 -15.62
C ASN B 420 20.82 2.15 -16.64
N TRP B 421 20.68 2.47 -17.92
CA TRP B 421 20.92 1.54 -19.03
C TRP B 421 22.35 1.09 -19.24
N ASP B 422 23.30 1.97 -18.92
CA ASP B 422 24.73 1.66 -19.06
C ASP B 422 25.13 0.41 -18.29
N ILE B 423 24.65 0.29 -17.05
CA ILE B 423 25.01 -0.83 -16.19
C ILE B 423 23.87 -1.83 -15.96
N ARG B 424 22.82 -1.74 -16.78
CA ARG B 424 21.68 -2.67 -16.75
C ARG B 424 21.07 -2.81 -15.34
N GLN B 425 20.76 -1.66 -14.74
CA GLN B 425 20.43 -1.59 -13.32
C GLN B 425 19.12 -0.82 -13.08
N VAL B 426 18.24 -1.41 -12.28
CA VAL B 426 17.06 -0.69 -11.76
C VAL B 426 17.53 0.03 -10.49
N ALA B 427 17.30 1.33 -10.44
CA ALA B 427 17.62 2.13 -9.25
C ALA B 427 16.34 2.77 -8.70
N ILE B 428 16.07 2.51 -7.42
CA ILE B 428 14.87 3.02 -6.78
C ILE B 428 15.26 3.87 -5.57
N GLU B 429 14.57 4.99 -5.41
CA GLU B 429 14.83 5.92 -4.33
C GLU B 429 13.63 5.96 -3.39
N PHE B 430 13.91 5.82 -2.10
CA PHE B 430 12.88 5.86 -1.05
C PHE B 430 13.09 7.06 -0.12
N ASP B 431 12.06 7.40 0.65
CA ASP B 431 12.15 8.43 1.70
C ASP B 431 13.33 8.18 2.63
N GLU B 432 13.81 9.25 3.27
CA GLU B 432 14.95 9.21 4.21
C GLU B 432 16.27 8.83 3.53
N HIS B 433 16.40 9.17 2.24
CA HIS B 433 17.62 8.88 1.44
C HIS B 433 18.01 7.39 1.44
N ILE B 434 17.00 6.54 1.31
CA ILE B 434 17.20 5.10 1.23
C ILE B 434 17.17 4.70 -0.25
N ASN B 435 18.30 4.18 -0.72
CA ASN B 435 18.45 3.80 -2.11
C ASN B 435 18.59 2.31 -2.25
N VAL B 436 17.92 1.75 -3.25
CA VAL B 436 17.97 0.31 -3.55
C VAL B 436 18.22 0.17 -5.06
N ALA B 437 19.16 -0.69 -5.40
CA ALA B 437 19.55 -0.86 -6.79
C ALA B 437 19.92 -2.29 -7.04
N PHE B 438 19.62 -2.77 -8.23
CA PHE B 438 19.90 -4.16 -8.57
C PHE B 438 19.96 -4.36 -10.07
N SER B 439 20.71 -5.36 -10.49
CA SER B 439 20.63 -5.84 -11.87
C SER B 439 19.73 -7.05 -11.88
N CYS B 440 19.13 -7.30 -13.05
CA CYS B 440 18.17 -8.38 -13.21
C CYS B 440 18.80 -9.60 -13.86
N VAL B 441 18.86 -10.70 -13.10
CA VAL B 441 19.33 -11.99 -13.61
C VAL B 441 18.22 -12.67 -14.42
N SER B 442 17.03 -12.80 -13.85
CA SER B 442 15.88 -13.25 -14.64
C SER B 442 15.12 -12.01 -15.09
N ALA B 443 14.08 -12.20 -15.89
CA ALA B 443 13.31 -11.09 -16.47
C ALA B 443 14.26 -10.06 -17.13
N SER B 444 13.99 -8.77 -16.91
CA SER B 444 14.74 -7.66 -17.50
C SER B 444 14.36 -6.40 -16.72
N CYS B 445 15.24 -5.39 -16.78
CA CYS B 445 14.97 -4.06 -16.24
C CYS B 445 13.63 -3.52 -16.70
N ARG B 446 13.31 -3.77 -17.97
CA ARG B 446 12.06 -3.36 -18.58
C ARG B 446 10.85 -4.02 -17.91
N ILE B 447 10.92 -5.32 -17.68
CA ILE B 447 9.83 -6.05 -17.03
C ILE B 447 9.63 -5.55 -15.59
N VAL B 448 10.73 -5.42 -14.85
CA VAL B 448 10.68 -5.00 -13.45
C VAL B 448 10.13 -3.58 -13.33
N HIS B 449 10.65 -2.68 -14.15
CA HIS B 449 10.23 -1.28 -14.18
C HIS B 449 8.70 -1.13 -14.43
N GLU B 450 8.20 -1.90 -15.40
CA GLU B 450 6.77 -1.91 -15.70
C GLU B 450 5.94 -2.50 -14.56
N TYR B 451 6.45 -3.58 -13.94
CA TYR B 451 5.73 -4.25 -12.87
C TYR B 451 5.50 -3.28 -11.72
N ILE B 452 6.57 -2.58 -11.33
CA ILE B 452 6.53 -1.60 -10.23
C ILE B 452 5.59 -0.44 -10.58
N GLY B 453 5.84 0.21 -11.73
CA GLY B 453 5.03 1.33 -12.19
C GLY B 453 3.56 0.95 -12.32
N GLY B 454 3.32 -0.27 -12.81
CA GLY B 454 1.98 -0.83 -12.96
C GLY B 454 1.21 -0.86 -11.66
N TYR B 455 1.85 -1.39 -10.61
CA TYR B 455 1.27 -1.39 -9.27
C TYR B 455 0.99 0.01 -8.74
N ILE B 456 1.93 0.94 -8.97
CA ILE B 456 1.75 2.33 -8.55
C ILE B 456 0.55 2.92 -9.27
N PHE B 457 0.42 2.63 -10.57
CA PHE B 457 -0.72 3.07 -11.34
C PHE B 457 -2.04 2.51 -10.79
N LEU B 458 -2.05 1.21 -10.45
CA LEU B 458 -3.24 0.59 -9.89
C LEU B 458 -3.64 1.13 -8.52
N SER B 459 -2.65 1.51 -7.70
CA SER B 459 -2.93 2.11 -6.40
C SER B 459 -3.65 3.47 -6.51
N THR B 460 -3.80 3.96 -7.74
CA THR B 460 -4.35 5.26 -8.06
C THR B 460 -5.88 5.22 -8.29
N ARG B 461 -6.38 4.07 -8.66
CA ARG B 461 -7.73 3.91 -9.07
C ARG B 461 -8.82 4.31 -8.13
N GLU B 462 -8.65 4.07 -6.86
CA GLU B 462 -9.64 4.40 -5.82
C GLU B 462 -9.88 5.90 -5.69
N ARG B 463 -8.80 6.68 -5.62
CA ARG B 463 -8.81 8.14 -5.68
C ARG B 463 -9.54 8.63 -6.93
N ALA B 464 -9.32 7.92 -8.04
CA ALA B 464 -9.86 8.28 -9.34
C ALA B 464 -11.17 7.54 -9.69
N ARG B 465 -11.87 7.02 -8.68
CA ARG B 465 -13.10 6.28 -8.93
C ARG B 465 -14.10 7.11 -9.70
N GLY B 466 -14.73 6.48 -10.69
CA GLY B 466 -15.70 7.15 -11.55
C GLY B 466 -15.09 7.64 -12.84
N GLU B 467 -13.88 8.20 -12.73
CA GLU B 467 -13.11 8.69 -13.89
C GLU B 467 -12.62 7.52 -14.76
N GLU B 468 -12.47 7.79 -16.05
CA GLU B 468 -11.94 6.82 -17.02
C GLU B 468 -10.46 6.56 -16.75
N LEU B 469 -9.99 5.39 -17.17
CA LEU B 469 -8.60 4.98 -16.94
C LEU B 469 -7.61 5.97 -17.54
N ASP B 470 -6.78 6.55 -16.68
CA ASP B 470 -5.80 7.57 -17.03
C ASP B 470 -4.55 6.94 -17.70
N GLU B 471 -4.65 6.74 -19.02
CA GLU B 471 -3.63 6.04 -19.80
C GLU B 471 -2.29 6.76 -19.82
N ASP B 472 -2.33 8.10 -19.86
CA ASP B 472 -1.14 8.96 -19.77
C ASP B 472 -0.31 8.67 -18.52
N LEU B 473 -0.98 8.59 -17.37
CA LEU B 473 -0.35 8.27 -16.11
C LEU B 473 0.22 6.84 -16.12
N PHE B 474 -0.52 5.90 -16.71
CA PHE B 474 -0.05 4.52 -16.86
C PHE B 474 1.28 4.43 -17.60
N LEU B 475 1.32 5.06 -18.78
CA LEU B 475 2.53 5.01 -19.61
C LEU B 475 3.69 5.74 -18.94
N GLN B 476 3.38 6.84 -18.24
CA GLN B 476 4.40 7.62 -17.54
C GLN B 476 5.05 6.84 -16.37
N LEU B 477 4.21 6.19 -15.56
CA LEU B 477 4.67 5.44 -14.39
C LEU B 477 5.44 4.17 -14.75
N THR B 478 5.05 3.53 -15.85
CA THR B 478 5.67 2.29 -16.29
C THR B 478 6.85 2.49 -17.23
N GLY B 479 7.26 3.74 -17.44
CA GLY B 479 8.38 4.11 -18.31
C GLY B 479 8.16 3.83 -19.79
N GLY B 480 6.92 3.93 -20.24
CA GLY B 480 6.56 3.74 -21.65
C GLY B 480 7.00 4.90 -22.52
#